data_9CKC
#
_entry.id   9CKC
#
_cell.length_a   142.792
_cell.length_b   52.185
_cell.length_c   144.916
_cell.angle_alpha   90.000
_cell.angle_beta   113.242
_cell.angle_gamma   90.000
#
_symmetry.space_group_name_H-M   'C 1 2 1'
#
loop_
_entity.id
_entity.type
_entity.pdbx_description
1 polymer 'N-lysine methyltransferase SMYD2'
2 polymer 'Poly [ADP-ribose] polymerase 1, processed C-terminus'
3 non-polymer S-ADENOSYL-L-HOMOCYSTEINE
4 non-polymer 'ZINC ION'
5 water water
#
loop_
_entity_poly.entity_id
_entity_poly.type
_entity_poly.pdbx_seq_one_letter_code
_entity_poly.pdbx_strand_id
1 'polypeptide(L)'
;MRAEGLGGLERFCSPGKGRGLRALQPFQVGDLLFSCPAYAYVLTVNERGNHCEYCFTRKEGLSKCGRCKQAFYCNVECQK
EDWPMHKLECSPMVVFGENWNPSETVRLTARILAKQKIHPERTPSEKLLAVKEFESHLDKLDNEKKDLIQSDIAALHHFY
SKHLEFPDNDSLVVLFAQVNCNGFTIEDEELSHLGSAIFPDVALMNHSCCPNVIVTYKGTLAEVRAVQEIKPGEEVFTSY
IDLLYPTEDRNDRLRDSYFFTCECQECTTKDKDKAKVEIRKLSDPPKAEAIRDMVRYARNVIEEFRRAKHYKSPSELLEI
CELSQEKMSSVFEDSNVYMLHMMYQAMGVCLYMQDWEGALQYGQKIIKPYSKHYPLYSLNVASMWLKLGRLYMGLEHKAA
GEKALKKAIAIMEVAHGKDHPYISEIKQEIESH
;
A,B
2 'polypeptide(L)' RMKLTLKGGAAVD C,D,E,F
#
# COMPACT_ATOMS: atom_id res chain seq x y z
N GLY A 5 -5.51 11.25 10.49
CA GLY A 5 -5.07 10.17 11.36
C GLY A 5 -6.15 9.60 12.27
N LEU A 6 -5.80 9.45 13.55
CA LEU A 6 -6.68 8.88 14.57
C LEU A 6 -7.04 9.97 15.57
N GLY A 7 -8.34 10.25 15.71
CA GLY A 7 -8.78 11.33 16.57
C GLY A 7 -8.37 11.09 18.02
N GLY A 8 -7.96 12.17 18.69
CA GLY A 8 -7.55 12.11 20.09
C GLY A 8 -6.17 11.56 20.32
N LEU A 9 -5.40 11.31 19.26
CA LEU A 9 -4.09 10.69 19.36
C LEU A 9 -3.17 11.36 18.35
N GLU A 10 -1.86 11.25 18.59
CA GLU A 10 -0.91 11.78 17.63
C GLU A 10 0.39 10.98 17.70
N ARG A 11 1.01 10.82 16.53
CA ARG A 11 2.37 10.31 16.43
C ARG A 11 3.35 11.40 16.85
N PHE A 12 4.41 11.01 17.56
CA PHE A 12 5.40 11.97 18.03
C PHE A 12 6.74 11.30 18.19
N CYS A 13 7.76 12.10 18.48
CA CYS A 13 9.11 11.61 18.73
C CYS A 13 9.30 11.40 20.23
N SER A 14 9.30 10.14 20.65
CA SER A 14 9.50 9.82 22.06
C SER A 14 11.00 9.70 22.34
N PRO A 15 11.57 10.57 23.18
CA PRO A 15 13.03 10.55 23.38
C PRO A 15 13.54 9.19 23.81
N GLY A 16 14.52 8.67 23.07
CA GLY A 16 15.09 7.37 23.38
C GLY A 16 14.29 6.18 22.90
N LYS A 17 13.10 6.39 22.34
CA LYS A 17 12.22 5.29 21.93
C LYS A 17 11.83 5.38 20.45
N GLY A 18 12.44 6.29 19.69
CA GLY A 18 12.03 6.47 18.31
C GLY A 18 10.69 7.18 18.25
N ARG A 19 9.78 6.65 17.44
CA ARG A 19 8.45 7.20 17.30
C ARG A 19 7.50 6.52 18.28
N GLY A 20 6.49 7.27 18.72
CA GLY A 20 5.53 6.74 19.65
C GLY A 20 4.15 7.31 19.39
N LEU A 21 3.20 6.94 20.25
CA LEU A 21 1.83 7.40 20.20
C LEU A 21 1.50 8.11 21.50
N ARG A 22 0.94 9.32 21.39
CA ARG A 22 0.67 10.20 22.51
C ARG A 22 -0.82 10.55 22.52
N ALA A 23 -1.40 10.64 23.72
CA ALA A 23 -2.80 11.02 23.85
C ALA A 23 -2.97 12.54 23.82
N LEU A 24 -4.01 12.99 23.11
CA LEU A 24 -4.38 14.40 23.09
C LEU A 24 -5.61 14.71 23.92
N GLN A 25 -6.34 13.69 24.37
CA GLN A 25 -7.50 13.82 25.23
C GLN A 25 -7.43 12.73 26.27
N PRO A 26 -8.17 12.84 27.37
CA PRO A 26 -8.14 11.79 28.39
C PRO A 26 -8.93 10.56 27.97
N PHE A 27 -8.44 9.40 28.41
CA PHE A 27 -9.14 8.13 28.23
C PHE A 27 -9.27 7.46 29.59
N GLN A 28 -10.49 6.98 29.91
CA GLN A 28 -10.73 6.25 31.14
C GLN A 28 -10.51 4.75 30.92
N VAL A 29 -10.31 4.04 32.03
CA VAL A 29 -10.20 2.60 32.00
C VAL A 29 -11.38 2.03 31.23
N GLY A 30 -11.08 1.18 30.24
CA GLY A 30 -12.11 0.55 29.44
C GLY A 30 -12.45 1.27 28.14
N ASP A 31 -12.01 2.52 27.98
CA ASP A 31 -12.30 3.26 26.74
C ASP A 31 -11.52 2.70 25.56
N LEU A 32 -12.17 2.71 24.40
CA LEU A 32 -11.54 2.34 23.13
C LEU A 32 -10.75 3.52 22.59
N LEU A 33 -9.42 3.38 22.50
CA LEU A 33 -8.61 4.43 21.89
C LEU A 33 -8.77 4.42 20.38
N PHE A 34 -8.56 3.27 19.75
CA PHE A 34 -8.74 3.14 18.30
C PHE A 34 -8.79 1.66 17.95
N SER A 35 -9.21 1.39 16.71
CA SER A 35 -9.21 0.05 16.15
C SER A 35 -8.41 0.07 14.85
N CYS A 36 -7.92 -1.09 14.46
CA CYS A 36 -7.04 -1.16 13.30
C CYS A 36 -7.24 -2.44 12.51
N PRO A 37 -7.79 -2.36 11.31
CA PRO A 37 -7.92 -3.57 10.48
C PRO A 37 -6.54 -4.13 10.15
N ALA A 38 -6.47 -5.47 10.07
CA ALA A 38 -5.21 -6.13 9.75
C ALA A 38 -4.75 -5.75 8.35
N TYR A 39 -3.50 -5.30 8.24
CA TYR A 39 -2.92 -5.09 6.91
C TYR A 39 -2.72 -6.42 6.21
N ALA A 40 -2.20 -7.41 6.93
CA ALA A 40 -2.06 -8.79 6.46
C ALA A 40 -2.16 -9.71 7.66
N TYR A 41 -2.64 -10.93 7.41
CA TYR A 41 -2.86 -11.87 8.50
C TYR A 41 -2.88 -13.29 7.93
N VAL A 42 -2.67 -14.25 8.82
CA VAL A 42 -2.74 -15.66 8.43
C VAL A 42 -3.23 -16.49 9.61
N LEU A 43 -4.15 -17.42 9.34
CA LEU A 43 -4.62 -18.36 10.35
C LEU A 43 -3.61 -19.48 10.53
N THR A 44 -3.28 -19.77 11.79
CA THR A 44 -2.28 -20.79 12.05
C THR A 44 -2.79 -22.18 11.66
N VAL A 45 -1.86 -23.03 11.22
CA VAL A 45 -2.23 -24.30 10.61
C VAL A 45 -3.09 -25.14 11.55
N ASN A 46 -2.74 -25.16 12.85
CA ASN A 46 -3.44 -26.02 13.79
C ASN A 46 -4.89 -25.58 14.05
N GLU A 47 -5.29 -24.39 13.64
CA GLU A 47 -6.65 -23.92 13.86
C GLU A 47 -7.52 -24.02 12.61
N ARG A 48 -7.02 -24.59 11.53
CA ARG A 48 -7.83 -24.81 10.34
C ARG A 48 -8.96 -25.80 10.64
N GLY A 49 -10.15 -25.50 10.13
CA GLY A 49 -11.31 -26.31 10.39
C GLY A 49 -12.14 -25.84 11.57
N ASN A 50 -11.54 -25.11 12.51
CA ASN A 50 -12.24 -24.52 13.62
C ASN A 50 -12.58 -23.06 13.37
N HIS A 51 -11.79 -22.37 12.55
CA HIS A 51 -11.96 -20.95 12.30
C HIS A 51 -12.03 -20.68 10.81
N CYS A 52 -12.78 -19.64 10.44
CA CYS A 52 -12.82 -19.19 9.06
C CYS A 52 -11.52 -18.49 8.70
N GLU A 53 -10.94 -18.87 7.54
CA GLU A 53 -9.66 -18.30 7.14
C GLU A 53 -9.75 -16.78 6.98
N TYR A 54 -10.89 -16.28 6.49
CA TYR A 54 -10.99 -14.87 6.17
C TYR A 54 -11.21 -14.00 7.41
N CYS A 55 -12.24 -14.32 8.20
CA CYS A 55 -12.67 -13.44 9.28
C CYS A 55 -12.38 -13.99 10.67
N PHE A 56 -11.84 -15.20 10.77
CA PHE A 56 -11.37 -15.84 12.02
C PHE A 56 -12.50 -16.27 12.94
N THR A 57 -13.75 -16.21 12.49
CA THR A 57 -14.88 -16.63 13.31
C THR A 57 -14.83 -18.13 13.57
N ARG A 58 -14.94 -18.50 14.85
CA ARG A 58 -15.00 -19.90 15.26
C ARG A 58 -16.45 -20.37 15.21
N LYS A 59 -16.70 -21.45 14.47
CA LYS A 59 -18.02 -22.05 14.42
C LYS A 59 -17.90 -23.45 13.83
N GLU A 60 -18.95 -24.24 14.01
CA GLU A 60 -19.03 -25.57 13.45
C GLU A 60 -19.65 -25.52 12.05
N GLY A 61 -19.26 -26.48 11.21
CA GLY A 61 -19.82 -26.59 9.87
C GLY A 61 -19.35 -25.51 8.92
N LEU A 62 -18.04 -25.26 8.88
CA LEU A 62 -17.46 -24.32 7.94
C LEU A 62 -17.34 -24.96 6.56
N SER A 63 -17.55 -24.16 5.52
CA SER A 63 -17.42 -24.64 4.16
C SER A 63 -15.96 -24.89 3.83
N LYS A 64 -15.66 -26.07 3.30
CA LYS A 64 -14.30 -26.49 2.98
C LYS A 64 -13.97 -26.17 1.52
N CYS A 65 -12.76 -25.65 1.30
CA CYS A 65 -12.32 -25.34 -0.06
C CYS A 65 -12.20 -26.63 -0.88
N GLY A 66 -12.98 -26.71 -1.96
CA GLY A 66 -13.04 -27.94 -2.75
C GLY A 66 -11.74 -28.32 -3.42
N ARG A 67 -10.82 -27.37 -3.60
CA ARG A 67 -9.60 -27.67 -4.34
C ARG A 67 -8.55 -28.32 -3.43
N CYS A 68 -8.22 -27.64 -2.34
CA CYS A 68 -7.17 -28.08 -1.43
C CYS A 68 -7.71 -28.78 -0.18
N LYS A 69 -8.99 -28.60 0.15
CA LYS A 69 -9.62 -29.23 1.31
C LYS A 69 -8.88 -28.91 2.61
N GLN A 70 -8.22 -27.75 2.66
CA GLN A 70 -7.43 -27.43 3.84
C GLN A 70 -7.62 -25.97 4.27
N ALA A 71 -8.68 -25.32 3.81
CA ALA A 71 -9.05 -23.97 4.22
C ALA A 71 -10.56 -23.93 4.34
N PHE A 72 -11.05 -23.45 5.49
CA PHE A 72 -12.48 -23.47 5.79
C PHE A 72 -13.01 -22.06 5.91
N TYR A 73 -14.28 -21.88 5.57
CA TYR A 73 -14.88 -20.55 5.45
C TYR A 73 -16.30 -20.55 5.99
N CYS A 74 -16.75 -19.37 6.42
CA CYS A 74 -18.14 -19.21 6.82
C CYS A 74 -19.10 -19.50 5.66
N ASN A 75 -18.77 -19.02 4.47
CA ASN A 75 -19.66 -19.07 3.30
C ASN A 75 -18.83 -18.72 2.07
N VAL A 76 -19.48 -18.64 0.90
CA VAL A 76 -18.75 -18.35 -0.33
C VAL A 76 -18.25 -16.91 -0.35
N GLU A 77 -18.92 -16.00 0.35
CA GLU A 77 -18.45 -14.62 0.40
C GLU A 77 -17.09 -14.53 1.10
N CYS A 78 -16.99 -15.11 2.31
CA CYS A 78 -15.70 -15.18 2.98
C CYS A 78 -14.68 -15.90 2.11
N GLN A 79 -15.09 -16.98 1.45
CA GLN A 79 -14.20 -17.72 0.57
C GLN A 79 -13.70 -16.86 -0.59
N LYS A 80 -14.61 -16.11 -1.22
CA LYS A 80 -14.21 -15.28 -2.35
C LYS A 80 -13.32 -14.13 -1.91
N GLU A 81 -13.63 -13.52 -0.76
CA GLU A 81 -12.81 -12.41 -0.28
C GLU A 81 -11.41 -12.86 0.11
N ASP A 82 -11.25 -14.11 0.55
CA ASP A 82 -9.95 -14.63 0.94
C ASP A 82 -9.12 -15.13 -0.25
N TRP A 83 -9.74 -15.31 -1.42
CA TRP A 83 -9.05 -15.87 -2.58
C TRP A 83 -7.75 -15.17 -2.96
N PRO A 84 -7.66 -13.84 -3.02
CA PRO A 84 -6.39 -13.22 -3.42
C PRO A 84 -5.22 -13.64 -2.54
N MET A 85 -5.46 -13.94 -1.26
CA MET A 85 -4.41 -14.43 -0.37
C MET A 85 -4.31 -15.95 -0.38
N HIS A 86 -5.44 -16.65 -0.38
CA HIS A 86 -5.43 -18.10 -0.31
C HIS A 86 -4.75 -18.74 -1.52
N LYS A 87 -4.84 -18.12 -2.70
CA LYS A 87 -4.25 -18.71 -3.91
C LYS A 87 -2.73 -18.80 -3.82
N LEU A 88 -2.09 -18.10 -2.88
CA LEU A 88 -0.66 -18.27 -2.67
C LEU A 88 -0.33 -19.67 -2.16
N GLU A 89 -1.29 -20.35 -1.53
CA GLU A 89 -1.04 -21.62 -0.87
C GLU A 89 -1.95 -22.74 -1.35
N CYS A 90 -3.11 -22.44 -1.92
CA CYS A 90 -4.10 -23.45 -2.26
C CYS A 90 -3.48 -24.59 -3.07
N SER A 91 -3.05 -24.28 -4.30
CA SER A 91 -2.45 -25.32 -5.13
C SER A 91 -1.11 -25.83 -4.59
N PRO A 92 -0.16 -24.97 -4.18
CA PRO A 92 1.10 -25.50 -3.59
C PRO A 92 0.89 -26.50 -2.47
N MET A 93 -0.14 -26.32 -1.63
CA MET A 93 -0.37 -27.25 -0.53
C MET A 93 -0.65 -28.66 -1.04
N VAL A 94 -1.43 -28.78 -2.11
CA VAL A 94 -1.71 -30.12 -2.64
C VAL A 94 -0.51 -30.66 -3.43
N VAL A 95 0.16 -29.79 -4.19
CA VAL A 95 1.25 -30.22 -5.05
C VAL A 95 2.47 -30.60 -4.21
N PHE A 96 2.82 -29.79 -3.21
CA PHE A 96 3.93 -30.14 -2.34
C PHE A 96 3.53 -31.25 -1.35
N GLY A 97 2.25 -31.33 -1.01
CA GLY A 97 1.77 -32.39 -0.14
C GLY A 97 2.31 -32.35 1.27
N GLU A 98 2.93 -33.45 1.70
CA GLU A 98 3.50 -33.51 3.04
C GLU A 98 4.70 -32.59 3.19
N ASN A 99 5.39 -32.30 2.09
CA ASN A 99 6.59 -31.45 2.12
C ASN A 99 6.29 -29.96 2.20
N TRP A 100 5.01 -29.56 2.23
CA TRP A 100 4.66 -28.16 2.40
C TRP A 100 4.76 -27.78 3.86
N ASN A 101 5.79 -27.02 4.23
CA ASN A 101 5.98 -26.63 5.63
C ASN A 101 6.65 -25.27 5.79
N PRO A 102 6.17 -24.21 5.15
CA PRO A 102 6.73 -22.88 5.43
C PRO A 102 6.35 -22.44 6.83
N SER A 103 7.30 -21.81 7.53
CA SER A 103 7.01 -21.27 8.85
C SER A 103 5.93 -20.18 8.76
N GLU A 104 5.30 -19.91 9.90
CA GLU A 104 4.22 -18.93 9.93
C GLU A 104 4.72 -17.54 9.54
N THR A 105 5.96 -17.19 9.92
CA THR A 105 6.56 -15.94 9.50
C THR A 105 6.65 -15.84 7.98
N VAL A 106 7.06 -16.93 7.33
CA VAL A 106 7.14 -16.96 5.87
C VAL A 106 5.74 -16.78 5.27
N ARG A 107 4.76 -17.52 5.80
CA ARG A 107 3.38 -17.41 5.33
C ARG A 107 2.87 -15.97 5.41
N LEU A 108 3.16 -15.28 6.51
CA LEU A 108 2.70 -13.90 6.68
C LEU A 108 3.43 -12.96 5.72
N THR A 109 4.74 -13.12 5.58
CA THR A 109 5.52 -12.25 4.70
C THR A 109 5.09 -12.40 3.25
N ALA A 110 4.76 -13.63 2.83
CA ALA A 110 4.23 -13.84 1.50
C ALA A 110 2.95 -13.03 1.28
N ARG A 111 2.06 -13.01 2.27
CA ARG A 111 0.82 -12.25 2.15
C ARG A 111 1.08 -10.75 2.17
N ILE A 112 2.13 -10.30 2.88
CA ILE A 112 2.51 -8.89 2.82
C ILE A 112 2.91 -8.51 1.40
N LEU A 113 3.80 -9.31 0.80
CA LEU A 113 4.24 -9.02 -0.56
C LEU A 113 3.07 -9.01 -1.54
N ALA A 114 2.12 -9.94 -1.37
CA ALA A 114 0.95 -9.95 -2.24
C ALA A 114 0.09 -8.71 -2.04
N LYS A 115 -0.12 -8.30 -0.79
CA LYS A 115 -0.88 -7.08 -0.51
C LYS A 115 -0.22 -5.85 -1.14
N GLN A 116 1.12 -5.76 -1.05
CA GLN A 116 1.83 -4.62 -1.62
C GLN A 116 1.67 -4.57 -3.13
N LYS A 117 1.61 -5.73 -3.79
CA LYS A 117 1.44 -5.76 -5.24
C LYS A 117 0.04 -5.29 -5.63
N ILE A 118 -0.97 -5.68 -4.87
CA ILE A 118 -2.35 -5.31 -5.19
C ILE A 118 -2.63 -3.87 -4.79
N HIS A 119 -2.30 -3.52 -3.55
CA HIS A 119 -2.70 -2.26 -2.93
C HIS A 119 -1.43 -1.49 -2.54
N PRO A 120 -0.74 -0.90 -3.52
CA PRO A 120 0.54 -0.23 -3.21
C PRO A 120 0.39 1.04 -2.39
N GLU A 121 -0.77 1.70 -2.56
CA GLU A 121 -1.11 2.98 -1.87
C GLU A 121 -1.40 2.76 -0.39
N ARG A 122 -1.40 3.85 0.40
CA ARG A 122 -1.62 3.80 1.87
C ARG A 122 -3.02 3.23 2.16
N THR A 123 -3.10 2.27 3.07
CA THR A 123 -4.33 1.60 3.45
C THR A 123 -4.92 2.25 4.68
N PRO A 124 -6.19 1.96 5.00
CA PRO A 124 -6.76 2.40 6.29
C PRO A 124 -6.06 1.81 7.51
N SER A 125 -5.23 0.77 7.36
CA SER A 125 -4.43 0.25 8.45
C SER A 125 -3.24 1.15 8.81
N GLU A 126 -2.92 2.11 7.95
CA GLU A 126 -1.69 2.88 8.06
C GLU A 126 -1.97 4.37 8.20
N LYS A 127 -2.89 4.74 9.09
CA LYS A 127 -3.23 6.15 9.26
C LYS A 127 -2.06 6.94 9.85
N LEU A 128 -1.29 6.34 10.76
CA LEU A 128 -0.17 7.02 11.40
C LEU A 128 1.19 6.42 11.09
N LEU A 129 1.26 5.14 10.71
CA LEU A 129 2.52 4.49 10.44
C LEU A 129 2.34 3.49 9.30
N ALA A 130 3.14 3.61 8.25
CA ALA A 130 3.05 2.71 7.12
C ALA A 130 4.01 1.54 7.26
N VAL A 131 3.68 0.44 6.59
CA VAL A 131 4.52 -0.76 6.62
C VAL A 131 5.93 -0.43 6.14
N LYS A 132 6.06 0.34 5.07
CA LYS A 132 7.37 0.73 4.56
C LYS A 132 8.19 1.49 5.58
N GLU A 133 7.54 2.20 6.52
CA GLU A 133 8.24 2.98 7.53
C GLU A 133 8.60 2.17 8.77
N PHE A 134 8.28 0.87 8.80
CA PHE A 134 8.57 0.04 9.95
C PHE A 134 10.05 0.04 10.32
N GLU A 135 10.32 0.00 11.62
CA GLU A 135 11.68 -0.19 12.12
C GLU A 135 12.16 -1.60 11.79
N SER A 136 13.41 -1.70 11.34
CA SER A 136 14.01 -3.00 11.03
C SER A 136 15.11 -3.42 12.00
N HIS A 137 15.84 -2.46 12.58
CA HIS A 137 17.03 -2.72 13.39
C HIS A 137 18.05 -3.57 12.64
N LEU A 138 18.12 -3.36 11.31
CA LEU A 138 18.99 -4.17 10.47
C LEU A 138 20.44 -4.11 10.95
N ASP A 139 20.91 -2.91 11.31
CA ASP A 139 22.29 -2.72 11.77
C ASP A 139 22.58 -3.40 13.11
N LYS A 140 21.56 -3.84 13.85
CA LYS A 140 21.79 -4.49 15.14
C LYS A 140 21.71 -6.01 15.04
N LEU A 141 21.23 -6.55 13.93
CA LEU A 141 21.09 -7.98 13.77
C LEU A 141 22.45 -8.66 13.73
N ASP A 142 22.59 -9.77 14.46
CA ASP A 142 23.84 -10.50 14.42
C ASP A 142 23.76 -11.57 13.32
N ASN A 143 24.89 -12.23 13.07
CA ASN A 143 24.95 -13.18 11.97
C ASN A 143 23.94 -14.31 12.12
N GLU A 144 23.72 -14.77 13.34
CA GLU A 144 22.76 -15.86 13.53
C GLU A 144 21.34 -15.41 13.18
N LYS A 145 20.98 -14.16 13.50
CA LYS A 145 19.67 -13.67 13.11
C LYS A 145 19.58 -13.39 11.61
N LYS A 146 20.68 -12.94 10.99
CA LYS A 146 20.67 -12.72 9.55
C LYS A 146 20.60 -14.03 8.79
N ASP A 147 21.36 -15.02 9.22
CA ASP A 147 21.32 -16.34 8.59
C ASP A 147 19.94 -16.99 8.72
N LEU A 148 19.22 -16.73 9.82
CA LEU A 148 17.86 -17.26 9.94
C LEU A 148 16.90 -16.57 8.98
N ILE A 149 17.03 -15.25 8.80
CA ILE A 149 16.22 -14.55 7.81
C ILE A 149 16.52 -15.08 6.41
N GLN A 150 17.81 -15.28 6.11
CA GLN A 150 18.16 -15.81 4.80
C GLN A 150 17.59 -17.20 4.59
N SER A 151 17.46 -17.99 5.66
CA SER A 151 16.79 -19.27 5.55
C SER A 151 15.32 -19.09 5.23
N ASP A 152 14.69 -18.09 5.84
CA ASP A 152 13.27 -17.76 5.59
C ASP A 152 13.12 -17.31 4.12
N ILE A 153 14.05 -16.53 3.62
CA ILE A 153 14.01 -16.09 2.23
C ILE A 153 14.06 -17.29 1.30
N ALA A 154 14.93 -18.25 1.59
CA ALA A 154 14.98 -19.47 0.78
C ALA A 154 13.64 -20.20 0.81
N ALA A 155 13.01 -20.28 1.99
CA ALA A 155 11.70 -20.93 2.07
C ALA A 155 10.65 -20.16 1.28
N LEU A 156 10.69 -18.82 1.35
CA LEU A 156 9.76 -18.00 0.58
C LEU A 156 9.88 -18.28 -0.92
N HIS A 157 11.12 -18.33 -1.42
CA HIS A 157 11.36 -18.68 -2.82
C HIS A 157 10.86 -20.08 -3.15
N HIS A 158 11.19 -21.04 -2.29
CA HIS A 158 10.86 -22.44 -2.53
C HIS A 158 9.35 -22.65 -2.71
N PHE A 159 8.54 -22.06 -1.83
CA PHE A 159 7.10 -22.36 -1.74
C PHE A 159 6.18 -21.37 -2.44
N TYR A 160 6.66 -20.17 -2.81
CA TYR A 160 5.76 -19.12 -3.33
C TYR A 160 6.25 -18.53 -4.65
N SER A 161 7.13 -19.23 -5.37
CA SER A 161 7.70 -18.71 -6.61
C SER A 161 6.67 -18.42 -7.69
N LYS A 162 5.63 -19.24 -7.81
CA LYS A 162 4.69 -19.06 -8.91
C LYS A 162 3.71 -17.91 -8.75
N HIS A 163 3.46 -17.43 -7.54
CA HIS A 163 2.47 -16.38 -7.34
C HIS A 163 3.05 -15.01 -7.00
N LEU A 164 4.32 -14.92 -6.59
CA LEU A 164 4.89 -13.67 -6.11
C LEU A 164 6.08 -13.26 -6.96
N GLU A 165 6.21 -11.95 -7.16
CA GLU A 165 7.41 -11.38 -7.76
C GLU A 165 8.20 -10.74 -6.62
N PHE A 166 9.44 -11.19 -6.45
CA PHE A 166 10.26 -10.80 -5.31
C PHE A 166 11.09 -9.55 -5.59
N PRO A 167 11.22 -8.65 -4.61
CA PRO A 167 12.29 -7.63 -4.68
C PRO A 167 13.67 -8.24 -4.56
N ASP A 168 14.71 -7.42 -4.57
CA ASP A 168 16.06 -7.94 -4.40
C ASP A 168 16.24 -8.50 -2.99
N ASN A 169 17.36 -9.20 -2.78
CA ASN A 169 17.57 -9.88 -1.51
C ASN A 169 17.61 -8.89 -0.35
N ASP A 170 18.25 -7.73 -0.56
CA ASP A 170 18.35 -6.71 0.48
C ASP A 170 16.97 -6.28 0.98
N SER A 171 16.02 -6.11 0.05
CA SER A 171 14.69 -5.67 0.46
C SER A 171 13.97 -6.76 1.25
N LEU A 172 14.18 -8.02 0.85
CA LEU A 172 13.56 -9.13 1.58
C LEU A 172 14.12 -9.25 2.99
N VAL A 173 15.43 -9.04 3.15
CA VAL A 173 16.02 -9.06 4.49
C VAL A 173 15.38 -8.00 5.36
N VAL A 174 15.24 -6.78 4.83
CA VAL A 174 14.63 -5.69 5.59
C VAL A 174 13.20 -6.04 5.98
N LEU A 175 12.43 -6.55 5.02
CA LEU A 175 11.01 -6.88 5.28
C LEU A 175 10.86 -7.91 6.38
N PHE A 176 11.61 -9.01 6.31
CA PHE A 176 11.57 -10.03 7.36
C PHE A 176 11.97 -9.44 8.71
N ALA A 177 12.99 -8.59 8.73
CA ALA A 177 13.39 -7.93 9.98
C ALA A 177 12.27 -7.01 10.50
N GLN A 178 11.61 -6.30 9.60
CA GLN A 178 10.48 -5.46 10.01
C GLN A 178 9.36 -6.30 10.59
N VAL A 179 9.09 -7.47 9.99
CA VAL A 179 8.05 -8.35 10.50
C VAL A 179 8.39 -8.87 11.89
N ASN A 180 9.64 -9.31 12.08
CA ASN A 180 10.06 -9.79 13.40
C ASN A 180 9.91 -8.70 14.46
N CYS A 181 10.10 -7.44 14.06
CA CYS A 181 10.06 -6.32 15.00
C CYS A 181 8.64 -5.83 15.26
N ASN A 182 7.75 -5.90 14.26
CA ASN A 182 6.45 -5.24 14.34
C ASN A 182 5.25 -6.18 14.22
N GLY A 183 5.45 -7.45 13.90
CA GLY A 183 4.32 -8.35 13.76
C GLY A 183 3.66 -8.69 15.08
N PHE A 184 2.38 -9.06 15.01
CA PHE A 184 1.58 -9.42 16.16
C PHE A 184 1.09 -10.86 16.05
N THR A 185 0.94 -11.50 17.20
CA THR A 185 0.26 -12.78 17.29
C THR A 185 -1.18 -12.54 17.74
N ILE A 186 -2.11 -13.22 17.09
CA ILE A 186 -3.52 -13.18 17.47
C ILE A 186 -3.84 -14.42 18.30
N GLU A 187 -4.47 -14.22 19.45
CA GLU A 187 -4.88 -15.30 20.34
C GLU A 187 -6.39 -15.25 20.57
N ASP A 188 -6.97 -16.41 20.88
CA ASP A 188 -8.39 -16.48 21.21
C ASP A 188 -8.60 -16.16 22.69
N GLU A 189 -9.84 -16.32 23.18
CA GLU A 189 -10.18 -15.93 24.55
C GLU A 189 -9.44 -16.75 25.59
N GLU A 190 -8.90 -17.92 25.25
CA GLU A 190 -8.10 -18.72 26.17
C GLU A 190 -6.60 -18.50 25.95
N LEU A 191 -6.23 -17.45 25.23
CA LEU A 191 -4.84 -17.16 24.86
C LEU A 191 -4.19 -18.31 24.07
N SER A 192 -4.99 -19.05 23.31
CA SER A 192 -4.42 -20.03 22.38
C SER A 192 -4.06 -19.35 21.06
N HIS A 193 -2.94 -19.79 20.47
CA HIS A 193 -2.44 -19.15 19.26
C HIS A 193 -3.39 -19.37 18.09
N LEU A 194 -3.86 -18.27 17.52
CA LEU A 194 -4.81 -18.27 16.39
C LEU A 194 -4.08 -17.98 15.07
N GLY A 195 -3.10 -17.07 15.06
CA GLY A 195 -2.42 -16.70 13.84
C GLY A 195 -1.50 -15.51 14.06
N SER A 196 -1.03 -14.97 12.95
CA SER A 196 -0.11 -13.84 12.96
C SER A 196 -0.65 -12.74 12.05
N ALA A 197 -0.31 -11.49 12.36
CA ALA A 197 -0.88 -10.40 11.58
C ALA A 197 0.03 -9.18 11.66
N ILE A 198 -0.18 -8.28 10.69
CA ILE A 198 0.44 -6.97 10.67
C ILE A 198 -0.64 -5.94 10.96
N PHE A 199 -0.45 -5.15 12.02
CA PHE A 199 -1.33 -4.03 12.38
C PHE A 199 -0.46 -2.77 12.44
N PRO A 200 -0.31 -2.05 11.32
CA PRO A 200 0.68 -0.95 11.28
C PRO A 200 0.46 0.12 12.33
N ASP A 201 -0.76 0.63 12.48
CA ASP A 201 -0.97 1.69 13.46
C ASP A 201 -0.80 1.19 14.88
N VAL A 202 -1.12 -0.08 15.15
CA VAL A 202 -0.91 -0.62 16.49
C VAL A 202 0.59 -0.78 16.75
N ALA A 203 1.38 -1.05 15.71
CA ALA A 203 2.82 -1.24 15.88
C ALA A 203 3.52 0.04 16.34
N LEU A 204 2.88 1.20 16.18
CA LEU A 204 3.49 2.47 16.57
C LEU A 204 3.70 2.60 18.08
N MET A 205 2.90 1.91 18.89
CA MET A 205 2.99 2.06 20.34
C MET A 205 4.24 1.40 20.90
N ASN A 206 4.94 2.12 21.77
CA ASN A 206 6.12 1.55 22.42
C ASN A 206 5.71 0.64 23.58
N HIS A 207 6.69 -0.04 24.15
CA HIS A 207 6.48 -1.05 25.19
C HIS A 207 6.64 -0.47 26.58
N SER A 208 5.83 -0.99 27.51
CA SER A 208 6.01 -0.82 28.94
C SER A 208 5.62 -2.11 29.63
N CYS A 209 6.33 -2.45 30.72
CA CYS A 209 5.91 -3.59 31.53
C CYS A 209 4.78 -3.25 32.51
N CYS A 210 4.41 -1.98 32.61
CA CYS A 210 3.16 -1.56 33.27
C CYS A 210 2.36 -0.76 32.24
N PRO A 211 1.81 -1.42 31.22
CA PRO A 211 1.20 -0.72 30.10
C PRO A 211 -0.11 -0.03 30.51
N ASN A 212 -0.48 1.00 29.74
CA ASN A 212 -1.75 1.65 29.99
C ASN A 212 -2.83 1.27 28.97
N VAL A 213 -2.51 0.44 27.97
CA VAL A 213 -3.52 -0.12 27.07
C VAL A 213 -3.24 -1.61 26.90
N ILE A 214 -4.28 -2.33 26.46
CA ILE A 214 -4.18 -3.73 26.06
C ILE A 214 -4.79 -3.88 24.68
N VAL A 215 -4.14 -4.69 23.84
CA VAL A 215 -4.63 -4.99 22.50
C VAL A 215 -5.43 -6.28 22.53
N THR A 216 -6.65 -6.23 22.03
CA THR A 216 -7.49 -7.41 21.83
C THR A 216 -7.94 -7.45 20.38
N TYR A 217 -8.62 -8.54 20.01
CA TYR A 217 -8.97 -8.78 18.63
C TYR A 217 -10.43 -9.17 18.52
N LYS A 218 -11.12 -8.54 17.56
CA LYS A 218 -12.49 -8.86 17.17
C LYS A 218 -12.39 -9.44 15.78
N GLY A 219 -12.20 -10.76 15.70
CA GLY A 219 -11.84 -11.38 14.44
C GLY A 219 -10.44 -10.98 14.01
N THR A 220 -10.32 -10.29 12.87
CA THR A 220 -9.03 -9.81 12.39
C THR A 220 -8.82 -8.33 12.64
N LEU A 221 -9.72 -7.70 13.39
CA LEU A 221 -9.65 -6.28 13.73
C LEU A 221 -9.01 -6.13 15.10
N ALA A 222 -7.90 -5.38 15.18
CA ALA A 222 -7.28 -5.10 16.47
C ALA A 222 -7.97 -3.93 17.14
N GLU A 223 -8.19 -4.05 18.45
CA GLU A 223 -8.79 -2.98 19.24
C GLU A 223 -7.86 -2.65 20.41
N VAL A 224 -7.80 -1.38 20.78
CA VAL A 224 -6.88 -0.91 21.81
C VAL A 224 -7.68 -0.16 22.87
N ARG A 225 -7.66 -0.69 24.10
CA ARG A 225 -8.45 -0.15 25.19
C ARG A 225 -7.57 0.18 26.39
N ALA A 226 -7.92 1.24 27.09
CA ALA A 226 -7.16 1.67 28.27
C ALA A 226 -7.39 0.73 29.44
N VAL A 227 -6.31 0.36 30.12
CA VAL A 227 -6.38 -0.36 31.39
C VAL A 227 -5.83 0.47 32.54
N GLN A 228 -5.34 1.67 32.26
CA GLN A 228 -5.06 2.72 33.24
C GLN A 228 -5.62 4.01 32.68
N GLU A 229 -5.86 4.98 33.56
CA GLU A 229 -6.29 6.29 33.09
C GLU A 229 -5.17 6.94 32.31
N ILE A 230 -5.50 7.53 31.16
CA ILE A 230 -4.50 8.17 30.29
C ILE A 230 -4.87 9.64 30.15
N LYS A 231 -3.90 10.51 30.40
CA LYS A 231 -4.12 11.94 30.37
C LYS A 231 -3.49 12.54 29.13
N PRO A 232 -3.97 13.71 28.70
CA PRO A 232 -3.34 14.40 27.55
C PRO A 232 -1.84 14.59 27.77
N GLY A 233 -1.07 14.34 26.70
CA GLY A 233 0.36 14.45 26.76
C GLY A 233 1.08 13.17 27.12
N GLU A 234 0.37 12.19 27.68
CA GLU A 234 1.01 10.95 28.10
C GLU A 234 1.16 9.98 26.94
N GLU A 235 2.27 9.24 26.93
CA GLU A 235 2.51 8.27 25.88
C GLU A 235 1.68 7.01 26.12
N VAL A 236 1.23 6.42 25.02
CA VAL A 236 0.43 5.19 25.04
C VAL A 236 1.37 4.00 24.92
N PHE A 237 1.32 3.09 25.91
CA PHE A 237 2.24 1.96 25.99
C PHE A 237 1.46 0.64 26.04
N THR A 238 1.84 -0.30 25.20
CA THR A 238 1.35 -1.67 25.29
C THR A 238 2.48 -2.55 25.81
N SER A 239 2.16 -3.81 26.12
CA SER A 239 3.18 -4.79 26.46
C SER A 239 3.45 -5.70 25.27
N TYR A 240 4.73 -5.92 24.98
CA TYR A 240 5.15 -6.80 23.89
C TYR A 240 5.30 -8.25 24.33
N ILE A 241 5.34 -8.53 25.65
CA ILE A 241 5.80 -9.81 26.16
C ILE A 241 4.90 -10.25 27.31
N ASP A 242 5.10 -11.50 27.72
CA ASP A 242 4.49 -12.08 28.92
C ASP A 242 5.07 -11.41 30.16
N LEU A 243 4.22 -10.77 30.96
CA LEU A 243 4.68 -9.97 32.10
C LEU A 243 4.84 -10.79 33.39
N LEU A 244 4.71 -12.11 33.31
CA LEU A 244 4.80 -12.96 34.51
C LEU A 244 6.20 -12.93 35.14
N TYR A 245 7.24 -12.84 34.31
CA TYR A 245 8.61 -13.15 34.69
C TYR A 245 9.32 -11.95 35.30
N PRO A 246 10.42 -12.18 36.06
CA PRO A 246 11.12 -11.07 36.68
C PRO A 246 11.85 -10.19 35.68
N THR A 247 12.44 -9.10 36.19
CA THR A 247 12.94 -8.03 35.34
C THR A 247 14.05 -8.51 34.41
N GLU A 248 14.98 -9.33 34.92
CA GLU A 248 16.07 -9.78 34.06
C GLU A 248 15.56 -10.68 32.93
N ASP A 249 14.53 -11.49 33.19
CA ASP A 249 13.94 -12.31 32.12
C ASP A 249 13.21 -11.45 31.08
N ARG A 250 12.44 -10.46 31.54
CA ARG A 250 11.75 -9.57 30.61
C ARG A 250 12.74 -8.81 29.75
N ASN A 251 13.76 -8.26 30.38
CA ASN A 251 14.72 -7.47 29.61
CA ASN A 251 14.80 -7.47 29.70
C ASN A 251 15.62 -8.33 28.74
N ASP A 252 15.86 -9.60 29.11
CA ASP A 252 16.54 -10.54 28.20
C ASP A 252 15.74 -10.72 26.92
N ARG A 253 14.42 -10.90 27.03
CA ARG A 253 13.58 -11.07 25.85
C ARG A 253 13.48 -9.79 25.03
N LEU A 254 13.28 -8.64 25.69
CA LEU A 254 13.13 -7.37 24.97
C LEU A 254 14.41 -7.00 24.22
N ARG A 255 15.58 -7.16 24.87
CA ARG A 255 16.84 -6.91 24.19
C ARG A 255 17.02 -7.81 22.99
N ASP A 256 16.75 -9.11 23.16
CA ASP A 256 16.99 -10.06 22.08
C ASP A 256 16.08 -9.81 20.89
N SER A 257 14.81 -9.51 21.14
CA SER A 257 13.83 -9.42 20.05
C SER A 257 13.63 -8.01 19.52
N TYR A 258 13.74 -6.99 20.38
CA TYR A 258 13.42 -5.62 20.00
C TYR A 258 14.57 -4.65 20.22
N PHE A 259 15.72 -5.12 20.71
CA PHE A 259 16.95 -4.33 20.75
C PHE A 259 16.80 -3.06 21.56
N PHE A 260 16.21 -3.19 22.75
CA PHE A 260 16.16 -2.09 23.68
C PHE A 260 16.08 -2.65 25.09
N THR A 261 16.49 -1.83 26.06
CA THR A 261 16.40 -2.13 27.48
C THR A 261 15.31 -1.26 28.07
N CYS A 262 14.29 -1.90 28.65
CA CYS A 262 13.15 -1.17 29.18
C CYS A 262 13.51 -0.43 30.46
N GLU A 263 12.93 0.77 30.63
CA GLU A 263 13.17 1.60 31.79
C GLU A 263 11.85 2.02 32.45
N CYS A 264 10.80 1.23 32.28
CA CYS A 264 9.54 1.51 32.95
C CYS A 264 9.71 1.36 34.47
N GLN A 265 8.66 1.75 35.20
CA GLN A 265 8.73 1.72 36.66
C GLN A 265 8.99 0.31 37.19
N GLU A 266 8.34 -0.71 36.61
CA GLU A 266 8.56 -2.09 37.05
C GLU A 266 10.02 -2.50 36.86
N CYS A 267 10.62 -2.16 35.71
CA CYS A 267 12.01 -2.51 35.47
C CYS A 267 12.95 -1.69 36.35
N THR A 268 12.62 -0.41 36.56
CA THR A 268 13.48 0.47 37.35
C THR A 268 13.49 0.06 38.83
N THR A 269 12.31 -0.17 39.41
CA THR A 269 12.21 -0.51 40.82
C THR A 269 12.44 -1.98 41.08
N LYS A 270 12.07 -2.85 40.13
CA LYS A 270 12.11 -4.31 40.33
C LYS A 270 11.27 -4.73 41.53
N ASP A 271 10.19 -3.98 41.80
CA ASP A 271 9.45 -4.17 43.04
C ASP A 271 8.80 -5.55 43.15
N LYS A 272 8.46 -6.17 42.02
CA LYS A 272 7.81 -7.48 42.03
C LYS A 272 8.80 -8.64 41.88
N ASP A 273 10.09 -8.36 41.70
CA ASP A 273 11.06 -9.42 41.45
C ASP A 273 11.10 -10.44 42.59
N LYS A 274 11.09 -9.97 43.84
CA LYS A 274 11.27 -10.89 44.97
C LYS A 274 10.08 -11.83 45.13
N ALA A 275 8.85 -11.32 44.96
CA ALA A 275 7.69 -12.20 45.03
C ALA A 275 7.67 -13.20 43.88
N LYS A 276 8.16 -12.80 42.70
CA LYS A 276 8.13 -13.69 41.55
C LYS A 276 9.10 -14.87 41.74
N VAL A 277 10.21 -14.65 42.43
CA VAL A 277 11.18 -15.72 42.66
C VAL A 277 11.18 -16.08 44.14
N GLU A 278 10.00 -16.35 44.69
CA GLU A 278 9.89 -16.58 46.13
C GLU A 278 10.60 -17.87 46.53
N ILE A 279 11.33 -17.80 47.64
CA ILE A 279 12.13 -18.90 48.17
C ILE A 279 11.45 -19.44 49.43
N ARG A 280 11.52 -20.75 49.63
CA ARG A 280 10.95 -21.35 50.83
C ARG A 280 11.68 -20.89 52.08
N LYS A 281 10.93 -20.69 53.16
CA LYS A 281 11.50 -20.33 54.46
C LYS A 281 11.88 -21.61 55.20
N LEU A 282 13.05 -22.13 54.86
CA LEU A 282 13.59 -23.34 55.47
C LEU A 282 14.33 -22.99 56.76
N SER A 283 14.52 -24.01 57.60
CA SER A 283 15.30 -23.85 58.83
C SER A 283 16.65 -23.24 58.53
N ASP A 284 17.38 -23.80 57.57
CA ASP A 284 18.60 -23.20 57.07
C ASP A 284 18.29 -22.48 55.77
N PRO A 285 18.31 -21.15 55.73
CA PRO A 285 17.94 -20.41 54.51
C PRO A 285 18.84 -20.79 53.35
N PRO A 286 18.27 -21.08 52.18
CA PRO A 286 19.09 -21.37 51.00
C PRO A 286 20.01 -20.20 50.65
N LYS A 287 21.26 -20.52 50.34
CA LYS A 287 22.27 -19.54 49.99
C LYS A 287 22.08 -19.01 48.57
N ALA A 288 22.61 -17.81 48.32
CA ALA A 288 22.47 -17.16 47.02
C ALA A 288 22.94 -18.07 45.88
N GLU A 289 24.07 -18.75 46.08
CA GLU A 289 24.56 -19.69 45.07
C GLU A 289 23.51 -20.75 44.75
N ALA A 290 22.88 -21.30 45.79
CA ALA A 290 21.87 -22.34 45.58
C ALA A 290 20.67 -21.79 44.82
N ILE A 291 20.27 -20.54 45.11
CA ILE A 291 19.15 -19.93 44.39
C ILE A 291 19.51 -19.77 42.91
N ARG A 292 20.67 -19.16 42.64
CA ARG A 292 21.10 -18.98 41.26
C ARG A 292 21.30 -20.31 40.56
N ASP A 293 21.67 -21.35 41.30
CA ASP A 293 21.76 -22.69 40.72
C ASP A 293 20.39 -23.20 40.29
N MET A 294 19.36 -23.02 41.13
CA MET A 294 18.05 -23.50 40.78
C MET A 294 17.42 -22.67 39.66
N VAL A 295 17.69 -21.36 39.62
CA VAL A 295 17.19 -20.52 38.54
C VAL A 295 17.78 -20.97 37.22
N ARG A 296 19.10 -21.21 37.19
CA ARG A 296 19.75 -21.76 36.01
C ARG A 296 19.13 -23.08 35.58
N TYR A 297 18.95 -24.00 36.54
CA TYR A 297 18.27 -25.26 36.25
C TYR A 297 16.89 -25.01 35.66
N ALA A 298 16.10 -24.15 36.31
CA ALA A 298 14.75 -23.89 35.85
C ALA A 298 14.74 -23.40 34.40
N ARG A 299 15.62 -22.45 34.08
CA ARG A 299 15.69 -21.94 32.71
C ARG A 299 16.10 -23.01 31.73
N ASN A 300 16.88 -24.00 32.17
CA ASN A 300 17.31 -25.06 31.27
C ASN A 300 16.18 -26.04 30.98
N VAL A 301 15.43 -26.45 32.01
CA VAL A 301 14.32 -27.36 31.77
C VAL A 301 13.23 -26.67 30.96
N ILE A 302 13.05 -25.37 31.16
CA ILE A 302 12.10 -24.63 30.33
C ILE A 302 12.49 -24.73 28.87
N GLU A 303 13.78 -24.58 28.56
CA GLU A 303 14.23 -24.71 27.19
C GLU A 303 14.14 -26.15 26.71
N GLU A 304 14.55 -27.11 27.53
CA GLU A 304 14.42 -28.53 27.17
C GLU A 304 12.98 -28.90 26.88
N PHE A 305 12.05 -28.41 27.69
CA PHE A 305 10.64 -28.73 27.47
C PHE A 305 10.12 -28.10 26.19
N ARG A 306 10.53 -26.86 25.90
CA ARG A 306 10.12 -26.22 24.66
C ARG A 306 10.53 -27.04 23.44
N ARG A 307 11.72 -27.64 23.48
CA ARG A 307 12.14 -28.53 22.40
C ARG A 307 11.38 -29.85 22.44
N ALA A 308 11.31 -30.48 23.61
CA ALA A 308 10.66 -31.79 23.74
C ALA A 308 9.21 -31.75 23.27
N LYS A 309 8.57 -30.58 23.37
CA LYS A 309 7.15 -30.44 23.04
C LYS A 309 6.86 -30.79 21.59
N HIS A 310 7.88 -30.82 20.73
CA HIS A 310 7.68 -31.08 19.31
C HIS A 310 7.54 -32.57 19.00
N TYR A 311 8.17 -33.45 19.79
CA TYR A 311 8.23 -34.86 19.42
C TYR A 311 7.84 -35.83 20.53
N LYS A 312 7.95 -35.48 21.80
CA LYS A 312 7.70 -36.45 22.87
C LYS A 312 6.20 -36.63 23.11
N SER A 313 5.86 -37.79 23.65
CA SER A 313 4.46 -38.14 23.91
C SER A 313 3.92 -37.31 25.08
N PRO A 314 2.59 -37.18 25.17
CA PRO A 314 2.02 -36.41 26.31
C PRO A 314 2.44 -36.92 27.68
N SER A 315 2.40 -38.23 27.91
CA SER A 315 2.80 -38.77 29.21
C SER A 315 4.27 -38.45 29.50
N GLU A 316 5.13 -38.49 28.47
CA GLU A 316 6.53 -38.15 28.66
C GLU A 316 6.69 -36.67 29.00
N LEU A 317 5.87 -35.80 28.40
CA LEU A 317 5.92 -34.37 28.72
C LEU A 317 5.48 -34.10 30.15
N LEU A 318 4.44 -34.81 30.62
CA LEU A 318 4.03 -34.66 32.02
C LEU A 318 5.14 -35.09 32.96
N GLU A 319 5.86 -36.16 32.62
CA GLU A 319 6.98 -36.61 33.44
C GLU A 319 8.00 -35.50 33.63
N ILE A 320 8.34 -34.79 32.55
CA ILE A 320 9.31 -33.70 32.65
C ILE A 320 8.80 -32.62 33.60
N CYS A 321 7.50 -32.27 33.49
CA CYS A 321 6.92 -31.26 34.37
C CYS A 321 6.95 -31.72 35.82
N GLU A 322 6.56 -32.98 36.07
CA GLU A 322 6.53 -33.51 37.43
C GLU A 322 7.92 -33.52 38.06
N LEU A 323 8.90 -34.11 37.36
CA LEU A 323 10.26 -34.20 37.89
C LEU A 323 10.86 -32.82 38.13
N SER A 324 10.63 -31.88 37.21
CA SER A 324 11.22 -30.56 37.37
C SER A 324 10.60 -29.83 38.56
N GLN A 325 9.29 -29.99 38.77
CA GLN A 325 8.65 -29.38 39.93
C GLN A 325 9.17 -29.97 41.23
N GLU A 326 9.35 -31.28 41.28
CA GLU A 326 9.90 -31.92 42.48
C GLU A 326 11.26 -31.33 42.83
N LYS A 327 12.14 -31.25 41.85
CA LYS A 327 13.50 -30.72 42.15
C LYS A 327 13.42 -29.26 42.58
N MET A 328 12.67 -28.44 41.86
CA MET A 328 12.59 -27.02 42.20
C MET A 328 11.95 -26.79 43.56
N SER A 329 10.99 -27.63 43.96
CA SER A 329 10.25 -27.39 45.20
C SER A 329 11.13 -27.49 46.44
N SER A 330 12.33 -28.06 46.32
CA SER A 330 13.24 -28.04 47.46
C SER A 330 13.72 -26.63 47.79
N VAL A 331 13.61 -25.69 46.85
CA VAL A 331 14.03 -24.32 47.05
C VAL A 331 12.91 -23.32 46.77
N PHE A 332 12.11 -23.56 45.74
CA PHE A 332 11.08 -22.62 45.29
C PHE A 332 9.72 -22.88 45.94
N GLU A 333 9.02 -21.81 46.30
CA GLU A 333 7.63 -21.90 46.70
C GLU A 333 6.74 -22.12 45.47
N ASP A 334 5.50 -22.54 45.72
CA ASP A 334 4.58 -22.83 44.61
C ASP A 334 4.25 -21.59 43.79
N SER A 335 4.27 -20.41 44.41
CA SER A 335 3.98 -19.16 43.73
C SER A 335 5.16 -18.64 42.92
N ASN A 336 6.32 -19.30 43.00
CA ASN A 336 7.48 -18.95 42.20
C ASN A 336 7.18 -19.13 40.71
N VAL A 337 7.54 -18.13 39.89
CA VAL A 337 7.14 -18.13 38.49
C VAL A 337 7.76 -19.27 37.70
N TYR A 338 8.90 -19.82 38.14
CA TYR A 338 9.46 -20.95 37.43
C TYR A 338 8.67 -22.23 37.73
N MET A 339 8.17 -22.36 38.96
CA MET A 339 7.19 -23.41 39.26
C MET A 339 5.91 -23.22 38.46
N LEU A 340 5.38 -22.00 38.44
CA LEU A 340 4.16 -21.71 37.69
C LEU A 340 4.32 -21.98 36.21
N HIS A 341 5.52 -21.75 35.67
CA HIS A 341 5.77 -22.06 34.26
C HIS A 341 5.52 -23.53 33.95
N MET A 342 6.17 -24.43 34.70
CA MET A 342 6.00 -25.85 34.46
C MET A 342 4.58 -26.31 34.80
N MET A 343 3.92 -25.71 35.78
CA MET A 343 2.53 -26.03 36.06
C MET A 343 1.64 -25.67 34.88
N TYR A 344 1.87 -24.50 34.27
CA TYR A 344 1.08 -24.09 33.12
C TYR A 344 1.31 -25.03 31.93
N GLN A 345 2.57 -25.41 31.70
CA GLN A 345 2.85 -26.35 30.62
C GLN A 345 2.16 -27.68 30.86
N ALA A 346 2.23 -28.18 32.10
CA ALA A 346 1.55 -29.42 32.45
C ALA A 346 0.03 -29.29 32.24
N MET A 347 -0.54 -28.14 32.63
CA MET A 347 -1.97 -27.92 32.38
C MET A 347 -2.28 -28.00 30.88
N GLY A 348 -1.43 -27.38 30.05
CA GLY A 348 -1.63 -27.46 28.61
C GLY A 348 -1.66 -28.88 28.09
N VAL A 349 -0.73 -29.71 28.55
CA VAL A 349 -0.71 -31.12 28.14
C VAL A 349 -1.98 -31.82 28.56
N CYS A 350 -2.44 -31.57 29.80
CA CYS A 350 -3.68 -32.18 30.30
C CYS A 350 -4.88 -31.76 29.45
N LEU A 351 -4.96 -30.47 29.10
CA LEU A 351 -6.07 -29.99 28.27
C LEU A 351 -6.07 -30.67 26.91
N TYR A 352 -4.89 -30.84 26.29
CA TYR A 352 -4.84 -31.55 25.02
C TYR A 352 -5.27 -33.01 25.17
N MET A 353 -4.83 -33.66 26.25
CA MET A 353 -5.25 -35.03 26.52
C MET A 353 -6.70 -35.14 26.93
N GLN A 354 -7.39 -34.01 27.10
CA GLN A 354 -8.75 -33.98 27.61
C GLN A 354 -8.83 -34.64 28.99
N ASP A 355 -7.76 -34.47 29.77
CA ASP A 355 -7.72 -34.89 31.17
C ASP A 355 -8.17 -33.69 31.99
N TRP A 356 -9.49 -33.57 32.17
CA TRP A 356 -10.04 -32.35 32.76
C TRP A 356 -9.71 -32.27 34.25
N GLU A 357 -9.74 -33.40 34.96
CA GLU A 357 -9.38 -33.40 36.37
C GLU A 357 -7.94 -32.93 36.57
N GLY A 358 -7.02 -33.48 35.78
CA GLY A 358 -5.63 -33.05 35.88
C GLY A 358 -5.45 -31.56 35.64
N ALA A 359 -6.05 -31.05 34.56
CA ALA A 359 -5.95 -29.63 34.22
C ALA A 359 -6.55 -28.76 35.32
N LEU A 360 -7.67 -29.19 35.91
CA LEU A 360 -8.29 -28.40 36.97
C LEU A 360 -7.35 -28.25 38.16
N GLN A 361 -6.71 -29.35 38.59
CA GLN A 361 -5.78 -29.28 39.71
C GLN A 361 -4.67 -28.26 39.46
N TYR A 362 -4.10 -28.25 38.25
CA TYR A 362 -3.06 -27.26 37.95
C TYR A 362 -3.62 -25.85 37.92
N GLY A 363 -4.79 -25.65 37.32
CA GLY A 363 -5.37 -24.31 37.29
C GLY A 363 -5.61 -23.74 38.67
N GLN A 364 -6.11 -24.57 39.60
CA GLN A 364 -6.38 -24.09 40.95
C GLN A 364 -5.10 -23.65 41.68
N LYS A 365 -3.96 -24.27 41.37
CA LYS A 365 -2.69 -23.84 41.96
C LYS A 365 -2.12 -22.58 41.30
N ILE A 366 -2.53 -22.28 40.06
CA ILE A 366 -1.92 -21.20 39.30
C ILE A 366 -2.61 -19.86 39.53
N ILE A 367 -3.94 -19.86 39.73
CA ILE A 367 -4.73 -18.65 39.54
C ILE A 367 -4.39 -17.57 40.58
N LYS A 368 -4.26 -17.95 41.85
CA LYS A 368 -3.98 -16.94 42.87
C LYS A 368 -2.61 -16.32 42.69
N PRO A 369 -1.51 -17.06 42.49
CA PRO A 369 -0.24 -16.40 42.12
C PRO A 369 -0.32 -15.55 40.86
N TYR A 370 -1.07 -16.00 39.83
CA TYR A 370 -1.26 -15.17 38.64
C TYR A 370 -1.84 -13.80 38.98
N SER A 371 -2.84 -13.78 39.86
CA SER A 371 -3.53 -12.53 40.18
C SER A 371 -2.59 -11.49 40.75
N LYS A 372 -1.60 -11.90 41.54
CA LYS A 372 -0.68 -10.92 42.13
C LYS A 372 0.53 -10.62 41.24
N HIS A 373 0.99 -11.57 40.43
CA HIS A 373 2.17 -11.30 39.62
C HIS A 373 1.84 -10.43 38.41
N TYR A 374 0.68 -10.64 37.78
CA TYR A 374 0.26 -9.90 36.61
C TYR A 374 -0.40 -8.57 36.99
N PRO A 375 -0.49 -7.63 36.06
CA PRO A 375 -1.21 -6.38 36.32
C PRO A 375 -2.71 -6.60 36.55
N LEU A 376 -3.36 -5.51 36.96
CA LEU A 376 -4.75 -5.54 37.40
C LEU A 376 -5.69 -6.14 36.34
N TYR A 377 -5.54 -5.71 35.09
CA TYR A 377 -6.46 -6.19 34.05
C TYR A 377 -5.77 -7.07 33.02
N SER A 378 -5.14 -8.15 33.48
CA SER A 378 -4.32 -8.99 32.61
C SER A 378 -5.17 -10.00 31.85
N LEU A 379 -4.89 -10.15 30.55
CA LEU A 379 -5.52 -11.20 29.74
C LEU A 379 -5.06 -12.59 30.17
N ASN A 380 -3.85 -12.69 30.71
CA ASN A 380 -3.38 -13.97 31.24
C ASN A 380 -4.23 -14.40 32.42
N VAL A 381 -4.60 -13.45 33.28
CA VAL A 381 -5.44 -13.77 34.43
C VAL A 381 -6.87 -14.08 33.99
N ALA A 382 -7.45 -13.24 33.13
CA ALA A 382 -8.81 -13.49 32.67
C ALA A 382 -8.92 -14.87 32.01
N SER A 383 -7.98 -15.21 31.13
CA SER A 383 -8.05 -16.48 30.42
C SER A 383 -7.88 -17.66 31.37
N MET A 384 -7.07 -17.51 32.44
CA MET A 384 -6.98 -18.58 33.43
C MET A 384 -8.29 -18.75 34.18
N TRP A 385 -8.94 -17.64 34.57
CA TRP A 385 -10.28 -17.75 35.16
C TRP A 385 -11.23 -18.45 34.20
N LEU A 386 -11.10 -18.15 32.90
CA LEU A 386 -11.99 -18.74 31.91
C LEU A 386 -11.74 -20.24 31.77
N LYS A 387 -10.48 -20.65 31.68
CA LYS A 387 -10.18 -22.08 31.65
C LYS A 387 -10.73 -22.80 32.87
N LEU A 388 -10.48 -22.26 34.07
CA LEU A 388 -11.03 -22.86 35.27
C LEU A 388 -12.55 -23.00 35.18
N GLY A 389 -13.23 -21.90 34.83
CA GLY A 389 -14.69 -21.93 34.76
C GLY A 389 -15.21 -22.98 33.80
N ARG A 390 -14.56 -23.11 32.64
CA ARG A 390 -15.00 -24.11 31.68
C ARG A 390 -14.72 -25.52 32.17
N LEU A 391 -13.57 -25.73 32.82
CA LEU A 391 -13.30 -27.02 33.44
C LEU A 391 -14.36 -27.35 34.49
N TYR A 392 -14.64 -26.40 35.38
CA TYR A 392 -15.67 -26.61 36.41
C TYR A 392 -17.00 -26.99 35.79
N MET A 393 -17.47 -26.21 34.81
CA MET A 393 -18.75 -26.51 34.17
C MET A 393 -18.74 -27.88 33.53
N GLY A 394 -17.67 -28.18 32.78
CA GLY A 394 -17.55 -29.49 32.16
C GLY A 394 -17.62 -30.63 33.16
N LEU A 395 -17.09 -30.42 34.36
CA LEU A 395 -17.10 -31.44 35.40
C LEU A 395 -18.34 -31.35 36.29
N GLU A 396 -19.29 -30.48 35.93
CA GLU A 396 -20.58 -30.30 36.62
C GLU A 396 -20.42 -29.61 37.97
N HIS A 397 -19.35 -28.84 38.16
CA HIS A 397 -19.18 -27.98 39.33
C HIS A 397 -19.77 -26.61 38.97
N LYS A 398 -21.11 -26.55 38.97
CA LYS A 398 -21.81 -25.40 38.40
C LYS A 398 -21.53 -24.12 39.19
N ALA A 399 -21.56 -24.19 40.52
CA ALA A 399 -21.37 -23.00 41.34
C ALA A 399 -19.96 -22.44 41.18
N ALA A 400 -18.94 -23.30 41.26
CA ALA A 400 -17.58 -22.84 41.06
C ALA A 400 -17.35 -22.38 39.62
N GLY A 401 -18.00 -23.05 38.66
CA GLY A 401 -17.89 -22.62 37.27
C GLY A 401 -18.42 -21.23 37.05
N GLU A 402 -19.63 -20.96 37.56
CA GLU A 402 -20.22 -19.62 37.43
C GLU A 402 -19.33 -18.56 38.06
N LYS A 403 -18.81 -18.83 39.26
CA LYS A 403 -17.92 -17.86 39.92
C LYS A 403 -16.70 -17.55 39.06
N ALA A 404 -16.04 -18.58 38.54
CA ALA A 404 -14.84 -18.35 37.73
C ALA A 404 -15.17 -17.64 36.44
N LEU A 405 -16.26 -18.02 35.78
CA LEU A 405 -16.63 -17.37 34.52
C LEU A 405 -16.91 -15.89 34.73
N LYS A 406 -17.58 -15.54 35.83
CA LYS A 406 -17.88 -14.13 36.11
C LYS A 406 -16.60 -13.34 36.38
N LYS A 407 -15.62 -13.96 37.05
CA LYS A 407 -14.34 -13.30 37.27
C LYS A 407 -13.66 -13.00 35.94
N ALA A 408 -13.74 -13.93 34.99
CA ALA A 408 -13.19 -13.69 33.66
C ALA A 408 -13.93 -12.56 32.96
N ILE A 409 -15.26 -12.57 33.03
CA ILE A 409 -16.05 -11.53 32.37
C ILE A 409 -15.71 -10.15 32.91
N ALA A 410 -15.54 -10.03 34.23
CA ALA A 410 -15.27 -8.73 34.83
C ALA A 410 -14.01 -8.09 34.25
N ILE A 411 -12.99 -8.89 33.96
CA ILE A 411 -11.76 -8.37 33.35
C ILE A 411 -11.96 -8.11 31.87
N MET A 412 -12.58 -9.05 31.15
CA MET A 412 -12.70 -8.93 29.70
C MET A 412 -13.56 -7.74 29.29
N GLU A 413 -14.57 -7.39 30.10
CA GLU A 413 -15.38 -6.20 29.82
C GLU A 413 -14.52 -4.95 29.69
N VAL A 414 -13.46 -4.86 30.50
CA VAL A 414 -12.54 -3.73 30.41
C VAL A 414 -11.68 -3.84 29.15
N ALA A 415 -11.02 -5.00 28.97
CA ALA A 415 -10.05 -5.17 27.89
C ALA A 415 -10.72 -5.39 26.52
N HIS A 416 -11.82 -6.13 26.48
CA HIS A 416 -12.47 -6.48 25.22
C HIS A 416 -13.64 -5.57 24.88
N GLY A 417 -14.13 -4.79 25.84
CA GLY A 417 -15.35 -4.03 25.64
C GLY A 417 -16.57 -4.85 26.04
N LYS A 418 -17.56 -4.20 26.64
CA LYS A 418 -18.73 -4.91 27.19
C LYS A 418 -19.51 -5.68 26.13
N ASP A 419 -19.45 -5.23 24.87
CA ASP A 419 -20.24 -5.78 23.78
C ASP A 419 -19.47 -6.82 22.94
N HIS A 420 -18.33 -7.29 23.42
CA HIS A 420 -17.51 -8.20 22.63
C HIS A 420 -18.20 -9.56 22.49
N PRO A 421 -18.13 -10.17 21.30
CA PRO A 421 -18.69 -11.53 21.13
C PRO A 421 -18.21 -12.54 22.18
N TYR A 422 -16.96 -12.43 22.65
CA TYR A 422 -16.48 -13.38 23.65
C TYR A 422 -17.31 -13.32 24.92
N ILE A 423 -17.72 -12.11 25.33
CA ILE A 423 -18.46 -11.96 26.56
C ILE A 423 -19.87 -12.51 26.42
N SER A 424 -20.49 -12.29 25.25
CA SER A 424 -21.78 -12.91 24.97
C SER A 424 -21.70 -14.43 25.03
N GLU A 425 -20.66 -15.01 24.41
CA GLU A 425 -20.48 -16.46 24.44
C GLU A 425 -20.35 -16.97 25.86
N ILE A 426 -19.57 -16.28 26.71
CA ILE A 426 -19.31 -16.79 28.05
C ILE A 426 -20.57 -16.74 28.91
N LYS A 427 -21.40 -15.70 28.71
CA LYS A 427 -22.66 -15.63 29.44
C LYS A 427 -23.59 -16.78 29.11
N GLN A 428 -23.55 -17.28 27.86
CA GLN A 428 -24.33 -18.47 27.52
C GLN A 428 -23.88 -19.67 28.34
N GLU A 429 -22.57 -19.80 28.58
CA GLU A 429 -22.06 -20.95 29.30
C GLU A 429 -22.46 -20.92 30.77
N ILE A 430 -22.83 -19.75 31.30
CA ILE A 430 -23.32 -19.66 32.67
C ILE A 430 -24.75 -20.20 32.76
N GLU A 431 -25.54 -19.85 31.75
CA GLU A 431 -26.96 -20.26 31.67
C GLU A 431 -27.15 -21.40 30.65
N SER A 432 -26.29 -22.42 30.68
CA SER A 432 -26.46 -23.60 29.84
C SER A 432 -26.40 -24.83 30.74
N HIS A 433 -25.34 -24.94 31.51
CA HIS A 433 -25.23 -25.97 32.54
C HIS A 433 -26.08 -25.62 33.75
N GLU B 4 13.41 40.07 -25.73
CA GLU B 4 12.89 38.70 -25.48
C GLU B 4 13.10 37.83 -26.74
N GLY B 5 12.24 36.84 -26.95
CA GLY B 5 12.35 35.96 -28.10
C GLY B 5 11.04 35.62 -28.79
N LEU B 6 9.94 35.77 -28.07
CA LEU B 6 8.61 35.43 -28.61
C LEU B 6 7.78 36.71 -28.73
N GLY B 7 7.41 37.04 -29.96
CA GLY B 7 6.64 38.26 -30.18
C GLY B 7 5.29 38.22 -29.50
N GLY B 8 4.90 39.35 -28.93
CA GLY B 8 3.61 39.47 -28.26
C GLY B 8 3.55 38.90 -26.87
N LEU B 9 4.69 38.46 -26.32
CA LEU B 9 4.73 37.78 -25.03
C LEU B 9 5.96 38.23 -24.27
N GLU B 10 5.90 38.10 -22.94
CA GLU B 10 7.05 38.42 -22.11
C GLU B 10 7.02 37.55 -20.86
N ARG B 11 8.22 37.18 -20.42
CA ARG B 11 8.41 36.57 -19.11
C ARG B 11 8.30 37.62 -18.01
N PHE B 12 7.67 37.27 -16.90
CA PHE B 12 7.47 38.22 -15.81
C PHE B 12 7.39 37.46 -14.49
N CYS B 13 7.36 38.22 -13.40
CA CYS B 13 7.24 37.67 -12.05
C CYS B 13 5.76 37.64 -11.67
N SER B 14 5.18 36.44 -11.68
CA SER B 14 3.78 36.26 -11.31
C SER B 14 3.67 36.07 -9.81
N PRO B 15 2.99 36.97 -9.09
CA PRO B 15 2.90 36.86 -7.63
C PRO B 15 2.37 35.51 -7.18
N GLY B 16 3.14 34.84 -6.32
CA GLY B 16 2.75 33.54 -5.81
C GLY B 16 3.02 32.37 -6.73
N LYS B 17 3.50 32.61 -7.95
CA LYS B 17 3.68 31.55 -8.92
C LYS B 17 5.08 31.48 -9.49
N GLY B 18 6.02 32.27 -8.95
CA GLY B 18 7.36 32.30 -9.54
C GLY B 18 7.35 33.08 -10.85
N ARG B 19 7.98 32.50 -11.88
CA ARG B 19 8.03 33.11 -13.19
C ARG B 19 6.87 32.63 -14.05
N GLY B 20 6.35 33.51 -14.91
CA GLY B 20 5.25 33.16 -15.77
C GLY B 20 5.35 33.84 -17.11
N LEU B 21 4.32 33.62 -17.94
CA LEU B 21 4.23 34.18 -19.28
C LEU B 21 3.02 35.09 -19.38
N ARG B 22 3.23 36.29 -19.90
CA ARG B 22 2.14 37.27 -19.95
C ARG B 22 2.02 37.83 -21.36
N ALA B 23 0.80 38.10 -21.78
CA ALA B 23 0.52 38.60 -23.12
C ALA B 23 0.74 40.11 -23.19
N LEU B 24 1.33 40.56 -24.31
CA LEU B 24 1.48 41.97 -24.60
C LEU B 24 0.55 42.46 -25.69
N GLN B 25 -0.13 41.55 -26.39
CA GLN B 25 -1.11 41.86 -27.42
C GLN B 25 -2.29 40.93 -27.23
N PRO B 26 -3.44 41.24 -27.81
CA PRO B 26 -4.58 40.34 -27.68
C PRO B 26 -4.45 39.08 -28.54
N PHE B 27 -5.02 37.98 -28.02
CA PHE B 27 -5.12 36.73 -28.76
C PHE B 27 -6.57 36.28 -28.80
N GLN B 28 -7.02 35.88 -29.99
CA GLN B 28 -8.37 35.36 -30.21
C GLN B 28 -8.37 33.85 -30.02
N VAL B 29 -9.57 33.29 -29.77
CA VAL B 29 -9.72 31.84 -29.72
C VAL B 29 -9.18 31.22 -31.00
N GLY B 30 -8.30 30.23 -30.85
CA GLY B 30 -7.71 29.55 -31.98
C GLY B 30 -6.39 30.13 -32.47
N ASP B 31 -6.01 31.32 -32.03
CA ASP B 31 -4.76 31.95 -32.45
C ASP B 31 -3.55 31.19 -31.92
N LEU B 32 -2.51 31.10 -32.75
CA LEU B 32 -1.23 30.53 -32.35
C LEU B 32 -0.41 31.57 -31.61
N LEU B 33 -0.14 31.33 -30.32
CA LEU B 33 0.73 32.22 -29.56
C LEU B 33 2.18 32.05 -29.97
N PHE B 34 2.69 30.82 -29.94
CA PHE B 34 4.06 30.53 -30.37
C PHE B 34 4.21 29.02 -30.56
N SER B 35 5.36 28.65 -31.13
CA SER B 35 5.77 27.26 -31.31
CA SER B 35 5.75 27.25 -31.28
C SER B 35 7.10 27.03 -30.62
N CYS B 36 7.41 25.77 -30.30
CA CYS B 36 8.65 25.48 -29.60
C CYS B 36 9.20 24.11 -29.98
N PRO B 37 10.34 24.07 -30.67
CA PRO B 37 10.98 22.78 -30.98
C PRO B 37 11.42 22.06 -29.71
N ALA B 38 11.32 20.74 -29.73
CA ALA B 38 11.73 19.95 -28.56
C ALA B 38 13.22 20.11 -28.31
N TYR B 39 13.56 20.44 -27.06
CA TYR B 39 14.97 20.42 -26.66
C TYR B 39 15.50 19.00 -26.60
N ALA B 40 14.71 18.08 -26.03
CA ALA B 40 15.00 16.65 -26.04
C ALA B 40 13.69 15.89 -26.00
N TYR B 41 13.68 14.70 -26.57
CA TYR B 41 12.45 13.93 -26.68
C TYR B 41 12.80 12.47 -26.86
N VAL B 42 11.82 11.60 -26.58
CA VAL B 42 12.00 10.17 -26.75
C VAL B 42 10.65 9.55 -27.08
N LEU B 43 10.66 8.63 -28.04
CA LEU B 43 9.47 7.86 -28.40
C LEU B 43 9.27 6.72 -27.40
N THR B 44 8.03 6.57 -26.90
CA THR B 44 7.77 5.53 -25.92
C THR B 44 7.90 4.15 -26.56
N VAL B 45 8.35 3.17 -25.76
CA VAL B 45 8.75 1.86 -26.28
C VAL B 45 7.59 1.19 -27.01
N ASN B 46 6.38 1.30 -26.46
CA ASN B 46 5.22 0.61 -27.02
C ASN B 46 4.80 1.14 -28.40
N GLU B 47 5.30 2.30 -28.82
CA GLU B 47 4.97 2.84 -30.12
C GLU B 47 6.06 2.62 -31.17
N ARG B 48 7.11 1.87 -30.82
CA ARG B 48 8.13 1.53 -31.80
C ARG B 48 7.54 0.66 -32.90
N GLY B 49 7.93 0.95 -34.14
CA GLY B 49 7.39 0.26 -35.29
C GLY B 49 6.19 0.95 -35.92
N ASN B 50 5.47 1.75 -35.16
CA ASN B 50 4.35 2.55 -35.68
C ASN B 50 4.74 3.98 -35.97
N HIS B 51 5.75 4.51 -35.29
CA HIS B 51 6.17 5.89 -35.42
C HIS B 51 7.66 5.96 -35.70
N CYS B 52 8.07 6.99 -36.43
CA CYS B 52 9.48 7.26 -36.65
C CYS B 52 10.12 7.82 -35.37
N GLU B 53 11.29 7.30 -35.03
CA GLU B 53 11.97 7.73 -33.80
C GLU B 53 12.32 9.21 -33.85
N TYR B 54 12.70 9.72 -35.02
CA TYR B 54 13.19 11.10 -35.11
C TYR B 54 12.07 12.12 -35.11
N CYS B 55 11.09 11.97 -36.01
CA CYS B 55 10.09 13.00 -36.24
C CYS B 55 8.68 12.62 -35.77
N PHE B 56 8.49 11.40 -35.25
CA PHE B 56 7.23 10.94 -34.65
C PHE B 56 6.13 10.72 -35.66
N THR B 57 6.43 10.76 -36.96
CA THR B 57 5.43 10.51 -37.99
C THR B 57 4.95 9.07 -37.94
N ARG B 58 3.63 8.89 -37.92
CA ARG B 58 3.00 7.57 -37.97
C ARG B 58 2.81 7.16 -39.43
N LYS B 59 3.36 6.00 -39.80
CA LYS B 59 3.16 5.45 -41.14
C LYS B 59 3.56 3.99 -41.16
N GLU B 60 3.14 3.30 -42.21
CA GLU B 60 3.47 1.90 -42.43
C GLU B 60 4.78 1.78 -43.20
N GLY B 61 5.49 0.67 -42.96
CA GLY B 61 6.72 0.37 -43.67
C GLY B 61 7.91 1.25 -43.31
N LEU B 62 8.16 1.43 -42.02
CA LEU B 62 9.29 2.20 -41.56
C LEU B 62 10.58 1.39 -41.66
N SER B 63 11.66 2.08 -41.99
CA SER B 63 12.97 1.43 -42.08
C SER B 63 13.48 1.06 -40.70
N LYS B 64 13.88 -0.20 -40.54
CA LYS B 64 14.34 -0.72 -39.27
C LYS B 64 15.86 -0.65 -39.15
N CYS B 65 16.34 -0.22 -37.99
CA CYS B 65 17.77 -0.14 -37.70
C CYS B 65 18.39 -1.54 -37.74
N GLY B 66 19.34 -1.74 -38.66
CA GLY B 66 19.90 -3.06 -38.87
C GLY B 66 20.65 -3.63 -37.68
N ARG B 67 21.08 -2.76 -36.75
CA ARG B 67 21.89 -3.20 -35.62
C ARG B 67 21.01 -3.77 -34.50
N CYS B 68 20.07 -2.97 -33.99
CA CYS B 68 19.27 -3.38 -32.86
C CYS B 68 17.89 -3.90 -33.25
N LYS B 69 17.44 -3.60 -34.48
CA LYS B 69 16.12 -4.02 -34.96
C LYS B 69 15.00 -3.56 -34.03
N GLN B 70 15.23 -2.43 -33.34
CA GLN B 70 14.26 -1.91 -32.39
C GLN B 70 14.07 -0.40 -32.50
N ALA B 71 14.48 0.21 -33.61
CA ALA B 71 14.23 1.62 -33.86
C ALA B 71 13.87 1.79 -35.32
N PHE B 72 12.73 2.44 -35.59
CA PHE B 72 12.20 2.54 -36.94
C PHE B 72 12.18 4.00 -37.39
N TYR B 73 12.33 4.20 -38.71
CA TYR B 73 12.55 5.52 -39.26
C TYR B 73 11.81 5.68 -40.58
N CYS B 74 11.50 6.94 -40.92
CA CYS B 74 10.93 7.23 -42.24
C CYS B 74 11.88 6.80 -43.34
N ASN B 75 13.17 7.13 -43.19
CA ASN B 75 14.16 6.98 -44.24
C ASN B 75 15.54 7.14 -43.60
N VAL B 76 16.59 7.14 -44.44
CA VAL B 76 17.95 7.24 -43.95
C VAL B 76 18.23 8.63 -43.38
N GLU B 77 17.56 9.67 -43.88
CA GLU B 77 17.77 11.00 -43.33
C GLU B 77 17.32 11.06 -41.87
N CYS B 78 16.09 10.63 -41.61
CA CYS B 78 15.59 10.54 -40.24
C CYS B 78 16.50 9.66 -39.39
N GLN B 79 16.97 8.55 -39.97
CA GLN B 79 17.87 7.65 -39.24
C GLN B 79 19.17 8.34 -38.88
N LYS B 80 19.78 9.06 -39.82
CA LYS B 80 21.06 9.73 -39.54
C LYS B 80 20.88 10.90 -38.58
N GLU B 81 19.77 11.64 -38.69
CA GLU B 81 19.54 12.76 -37.78
C GLU B 81 19.31 12.31 -36.35
N ASP B 82 18.72 11.13 -36.16
CA ASP B 82 18.48 10.59 -34.83
C ASP B 82 19.71 9.91 -34.24
N TRP B 83 20.73 9.66 -35.06
CA TRP B 83 21.91 8.92 -34.65
C TRP B 83 22.56 9.42 -33.37
N PRO B 84 22.82 10.73 -33.19
CA PRO B 84 23.48 11.16 -31.94
C PRO B 84 22.73 10.79 -30.67
N MET B 85 21.40 10.69 -30.74
CA MET B 85 20.59 10.28 -29.60
C MET B 85 20.42 8.77 -29.55
N HIS B 86 20.20 8.15 -30.71
CA HIS B 86 19.98 6.70 -30.76
C HIS B 86 21.19 5.91 -30.28
N LYS B 87 22.41 6.42 -30.50
CA LYS B 87 23.59 5.68 -30.09
C LYS B 87 23.68 5.48 -28.58
N LEU B 88 22.93 6.26 -27.81
CA LEU B 88 22.88 6.03 -26.36
C LEU B 88 22.24 4.70 -26.02
N GLU B 89 21.43 4.15 -26.92
CA GLU B 89 20.65 2.94 -26.66
C GLU B 89 20.89 1.82 -27.66
N CYS B 90 21.36 2.13 -28.87
CA CYS B 90 21.52 1.16 -29.95
C CYS B 90 22.28 -0.10 -29.53
N SER B 91 23.57 0.05 -29.20
CA SER B 91 24.33 -1.11 -28.75
C SER B 91 23.88 -1.65 -27.40
N PRO B 92 23.66 -0.81 -26.37
CA PRO B 92 23.16 -1.36 -25.09
C PRO B 92 21.92 -2.23 -25.23
N MET B 93 21.02 -1.90 -26.16
CA MET B 93 19.80 -2.69 -26.32
C MET B 93 20.13 -4.12 -26.74
N VAL B 94 21.12 -4.28 -27.62
CA VAL B 94 21.47 -5.64 -28.10
C VAL B 94 22.31 -6.35 -27.03
N VAL B 95 23.13 -5.62 -26.30
CA VAL B 95 24.01 -6.23 -25.32
C VAL B 95 23.21 -6.68 -24.10
N PHE B 96 22.34 -5.80 -23.59
CA PHE B 96 21.50 -6.17 -22.45
C PHE B 96 20.32 -7.04 -22.85
N GLY B 97 19.83 -6.92 -24.08
CA GLY B 97 18.76 -7.77 -24.56
C GLY B 97 17.45 -7.56 -23.83
N GLU B 98 16.90 -8.64 -23.28
CA GLU B 98 15.64 -8.54 -22.54
C GLU B 98 15.80 -7.74 -21.26
N ASN B 99 17.01 -7.69 -20.71
CA ASN B 99 17.26 -6.98 -19.46
C ASN B 99 17.35 -5.47 -19.62
N TRP B 100 17.21 -4.96 -20.84
CA TRP B 100 17.22 -3.51 -21.08
C TRP B 100 15.84 -2.95 -20.75
N ASN B 101 15.74 -2.23 -19.63
CA ASN B 101 14.45 -1.67 -19.23
C ASN B 101 14.57 -0.36 -18.45
N PRO B 102 15.29 0.65 -18.95
CA PRO B 102 15.27 1.95 -18.28
C PRO B 102 13.92 2.62 -18.43
N SER B 103 13.47 3.27 -17.36
CA SER B 103 12.22 4.02 -17.42
C SER B 103 12.32 5.15 -18.44
N GLU B 104 11.15 5.63 -18.88
CA GLU B 104 11.10 6.69 -19.87
C GLU B 104 11.74 7.97 -19.35
N THR B 105 11.57 8.25 -18.06
CA THR B 105 12.23 9.41 -17.46
C THR B 105 13.75 9.29 -17.58
N VAL B 106 14.30 8.10 -17.34
CA VAL B 106 15.74 7.89 -17.48
C VAL B 106 16.16 8.08 -18.94
N ARG B 107 15.43 7.46 -19.86
CA ARG B 107 15.73 7.60 -21.29
C ARG B 107 15.76 9.06 -21.70
N LEU B 108 14.79 9.83 -21.22
CA LEU B 108 14.72 11.25 -21.56
C LEU B 108 15.88 12.03 -20.95
N THR B 109 16.17 11.78 -19.67
CA THR B 109 17.25 12.48 -19.00
C THR B 109 18.59 12.18 -19.66
N ALA B 110 18.79 10.95 -20.12
CA ALA B 110 20.01 10.61 -20.85
C ALA B 110 20.17 11.48 -22.09
N ARG B 111 19.06 11.72 -22.80
CA ARG B 111 19.10 12.53 -24.04
C ARG B 111 19.35 14.00 -23.68
N ILE B 112 18.88 14.45 -22.52
CA ILE B 112 19.18 15.82 -22.08
C ILE B 112 20.69 15.99 -21.88
N LEU B 113 21.30 15.07 -21.14
CA LEU B 113 22.74 15.14 -20.90
C LEU B 113 23.52 15.10 -22.21
N ALA B 114 23.06 14.31 -23.18
CA ALA B 114 23.72 14.30 -24.49
C ALA B 114 23.57 15.63 -25.19
N LYS B 115 22.35 16.20 -25.16
CA LYS B 115 22.12 17.50 -25.77
C LYS B 115 22.99 18.58 -25.14
N GLN B 116 23.15 18.55 -23.81
CA GLN B 116 23.99 19.55 -23.15
C GLN B 116 25.45 19.42 -23.56
N LYS B 117 25.93 18.19 -23.78
CA LYS B 117 27.31 17.99 -24.19
C LYS B 117 27.56 18.50 -25.60
N ILE B 118 26.62 18.28 -26.52
CA ILE B 118 26.78 18.70 -27.90
C ILE B 118 26.58 20.19 -28.05
N HIS B 119 25.45 20.69 -27.51
CA HIS B 119 24.99 22.07 -27.72
C HIS B 119 24.89 22.76 -26.36
N PRO B 120 26.02 23.16 -25.77
CA PRO B 120 25.97 23.74 -24.42
C PRO B 120 25.31 25.11 -24.35
N GLU B 121 25.36 25.90 -25.42
CA GLU B 121 24.80 27.24 -25.41
C GLU B 121 23.27 27.20 -25.51
N ARG B 122 22.67 28.39 -25.42
CA ARG B 122 21.22 28.52 -25.44
C ARG B 122 20.66 28.12 -26.80
N THR B 123 19.63 27.28 -26.78
CA THR B 123 19.01 26.77 -27.99
C THR B 123 17.82 27.62 -28.39
N PRO B 124 17.32 27.48 -29.62
CA PRO B 124 16.05 28.15 -29.97
C PRO B 124 14.87 27.69 -29.14
N SER B 125 14.98 26.57 -28.44
CA SER B 125 13.94 26.11 -27.53
C SER B 125 13.91 26.91 -26.24
N GLU B 126 14.93 27.73 -25.98
CA GLU B 126 15.10 28.39 -24.69
C GLU B 126 15.14 29.90 -24.85
N LYS B 127 14.21 30.47 -25.63
CA LYS B 127 14.24 31.91 -25.85
C LYS B 127 13.97 32.67 -24.56
N LEU B 128 13.05 32.18 -23.73
CA LEU B 128 12.66 32.85 -22.50
C LEU B 128 13.04 32.10 -21.23
N LEU B 129 13.23 30.78 -21.32
CA LEU B 129 13.53 29.97 -20.15
C LEU B 129 14.47 28.85 -20.56
N ALA B 130 15.60 28.75 -19.87
CA ALA B 130 16.58 27.71 -20.15
C ALA B 130 16.35 26.49 -19.26
N VAL B 131 16.80 25.33 -19.76
CA VAL B 131 16.71 24.08 -18.99
C VAL B 131 17.43 24.22 -17.67
N LYS B 132 18.62 24.85 -17.69
CA LYS B 132 19.38 25.04 -16.46
C LYS B 132 18.58 25.83 -15.42
N GLU B 133 17.67 26.69 -15.86
CA GLU B 133 16.88 27.53 -14.98
C GLU B 133 15.60 26.86 -14.50
N PHE B 134 15.35 25.61 -14.91
CA PHE B 134 14.14 24.90 -14.50
C PHE B 134 14.03 24.83 -12.99
N GLU B 135 12.80 24.94 -12.48
CA GLU B 135 12.55 24.73 -11.06
C GLU B 135 12.69 23.25 -10.71
N SER B 136 13.32 22.98 -9.57
CA SER B 136 13.53 21.61 -9.09
C SER B 136 12.72 21.23 -7.86
N HIS B 137 12.41 22.19 -6.98
CA HIS B 137 11.77 21.91 -5.70
C HIS B 137 12.55 20.89 -4.88
N LEU B 138 13.87 20.94 -4.98
CA LEU B 138 14.73 19.99 -4.28
C LEU B 138 14.48 20.02 -2.76
N ASP B 139 14.34 21.22 -2.20
CA ASP B 139 14.14 21.38 -0.76
C ASP B 139 12.82 20.78 -0.26
N LYS B 140 11.92 20.38 -1.16
CA LYS B 140 10.62 19.84 -0.79
C LYS B 140 10.55 18.31 -0.84
N LEU B 141 11.60 17.64 -1.34
CA LEU B 141 11.62 16.18 -1.41
C LEU B 141 11.61 15.55 -0.02
N ASP B 142 10.81 14.50 0.15
CA ASP B 142 10.64 13.79 1.41
C ASP B 142 11.46 12.51 1.54
N ASN B 143 12.74 12.51 1.15
CA ASN B 143 13.59 11.31 1.17
C ASN B 143 13.10 10.20 0.27
N GLU B 144 11.81 9.88 0.36
CA GLU B 144 11.23 8.76 -0.39
C GLU B 144 11.17 9.07 -1.88
N LYS B 145 10.90 10.33 -2.22
CA LYS B 145 10.99 10.74 -3.61
C LYS B 145 12.45 10.77 -4.05
N LYS B 146 13.35 11.05 -3.11
CA LYS B 146 14.79 10.95 -3.40
C LYS B 146 15.20 9.50 -3.62
N ASP B 147 14.59 8.57 -2.87
CA ASP B 147 14.88 7.15 -3.09
C ASP B 147 14.55 6.74 -4.51
N LEU B 148 13.50 7.33 -5.09
CA LEU B 148 13.14 7.04 -6.47
C LEU B 148 14.10 7.70 -7.45
N ILE B 149 14.48 8.96 -7.19
CA ILE B 149 15.47 9.63 -8.03
C ILE B 149 16.81 8.91 -7.98
N GLN B 150 17.25 8.52 -6.78
CA GLN B 150 18.51 7.78 -6.68
C GLN B 150 18.43 6.44 -7.40
N SER B 151 17.25 5.82 -7.40
CA SER B 151 17.06 4.61 -8.19
C SER B 151 17.18 4.91 -9.69
N ASP B 152 16.59 6.03 -10.13
CA ASP B 152 16.72 6.44 -11.52
C ASP B 152 18.18 6.73 -11.88
N ILE B 153 18.92 7.38 -10.98
CA ILE B 153 20.33 7.65 -11.23
C ILE B 153 21.10 6.33 -11.39
N ALA B 154 20.80 5.34 -10.55
CA ALA B 154 21.44 4.03 -10.70
C ALA B 154 21.11 3.41 -12.05
N ALA B 155 19.85 3.52 -12.49
CA ALA B 155 19.49 3.02 -13.80
C ALA B 155 20.21 3.78 -14.91
N LEU B 156 20.32 5.11 -14.75
CA LEU B 156 21.05 5.91 -15.71
C LEU B 156 22.49 5.45 -15.85
N HIS B 157 23.16 5.19 -14.73
CA HIS B 157 24.55 4.72 -14.77
C HIS B 157 24.64 3.35 -15.45
N HIS B 158 23.75 2.43 -15.05
CA HIS B 158 23.79 1.05 -15.54
C HIS B 158 23.70 0.98 -17.05
N PHE B 159 22.72 1.66 -17.64
CA PHE B 159 22.40 1.46 -19.05
C PHE B 159 23.09 2.44 -19.97
N TYR B 160 23.66 3.52 -19.44
CA TYR B 160 24.20 4.59 -20.28
C TYR B 160 25.64 4.95 -19.89
N SER B 161 26.37 4.06 -19.20
CA SER B 161 27.73 4.38 -18.80
C SER B 161 28.59 4.69 -20.02
N LYS B 162 28.40 3.95 -21.10
CA LYS B 162 29.04 4.26 -22.36
C LYS B 162 28.23 5.35 -23.06
N HIS B 163 28.93 6.19 -23.80
CA HIS B 163 28.42 7.30 -24.63
C HIS B 163 28.18 8.62 -23.90
N LEU B 164 27.87 8.56 -22.60
CA LEU B 164 27.57 9.82 -21.88
C LEU B 164 28.40 9.97 -20.61
N GLU B 165 28.82 11.21 -20.32
CA GLU B 165 29.58 11.55 -19.13
C GLU B 165 28.68 12.23 -18.11
N PHE B 166 28.64 11.68 -16.88
CA PHE B 166 27.70 12.11 -15.86
C PHE B 166 28.27 13.31 -15.09
N PRO B 167 27.47 14.31 -14.75
CA PRO B 167 27.89 15.26 -13.71
C PRO B 167 27.96 14.58 -12.34
N ASP B 168 28.27 15.32 -11.29
CA ASP B 168 28.24 14.76 -9.95
C ASP B 168 26.81 14.40 -9.55
N ASN B 169 26.69 13.63 -8.46
CA ASN B 169 25.40 13.10 -8.04
C ASN B 169 24.42 14.21 -7.69
N ASP B 170 24.90 15.25 -6.99
CA ASP B 170 24.05 16.37 -6.67
C ASP B 170 23.42 16.97 -7.93
N SER B 171 24.19 17.05 -9.03
CA SER B 171 23.63 17.63 -10.25
C SER B 171 22.58 16.72 -10.87
N LEU B 172 22.80 15.41 -10.81
CA LEU B 172 21.82 14.46 -11.35
C LEU B 172 20.52 14.49 -10.56
N VAL B 173 20.60 14.63 -9.24
CA VAL B 173 19.38 14.71 -8.42
C VAL B 173 18.54 15.90 -8.87
N VAL B 174 19.18 17.07 -9.02
CA VAL B 174 18.46 18.28 -9.43
C VAL B 174 17.87 18.10 -10.82
N LEU B 175 18.65 17.56 -11.75
CA LEU B 175 18.17 17.39 -13.13
C LEU B 175 16.95 16.50 -13.19
N PHE B 176 17.01 15.33 -12.53
CA PHE B 176 15.84 14.46 -12.47
C PHE B 176 14.65 15.15 -11.83
N ALA B 177 14.89 15.94 -10.78
CA ALA B 177 13.81 16.70 -10.17
C ALA B 177 13.24 17.73 -11.15
N GLN B 178 14.12 18.38 -11.93
CA GLN B 178 13.67 19.33 -12.94
C GLN B 178 12.87 18.65 -14.03
N VAL B 179 13.28 17.44 -14.43
CA VAL B 179 12.55 16.68 -15.45
C VAL B 179 11.16 16.29 -14.94
N ASN B 180 11.09 15.80 -13.70
CA ASN B 180 9.80 15.43 -13.12
C ASN B 180 8.83 16.62 -13.09
N CYS B 181 9.37 17.82 -12.87
CA CYS B 181 8.52 18.99 -12.71
C CYS B 181 8.14 19.63 -14.05
N ASN B 182 9.03 19.59 -15.04
CA ASN B 182 8.89 20.38 -16.25
C ASN B 182 8.77 19.56 -17.54
N GLY B 183 8.92 18.24 -17.48
CA GLY B 183 8.77 17.43 -18.66
C GLY B 183 7.33 17.37 -19.14
N PHE B 184 7.19 17.09 -20.44
CA PHE B 184 5.88 16.98 -21.09
C PHE B 184 5.69 15.58 -21.65
N THR B 185 4.44 15.14 -21.66
CA THR B 185 4.06 13.93 -22.39
C THR B 185 3.47 14.33 -23.73
N ILE B 186 3.86 13.62 -24.78
CA ILE B 186 3.32 13.84 -26.11
C ILE B 186 2.29 12.75 -26.39
N GLU B 187 1.10 13.15 -26.82
CA GLU B 187 0.02 12.23 -27.13
C GLU B 187 -0.42 12.39 -28.58
N ASP B 188 -0.98 11.31 -29.14
CA ASP B 188 -1.53 11.36 -30.49
C ASP B 188 -2.96 11.90 -30.46
N GLU B 189 -3.61 11.89 -31.63
CA GLU B 189 -4.94 12.49 -31.75
C GLU B 189 -6.01 11.79 -30.90
N GLU B 190 -5.77 10.55 -30.48
CA GLU B 190 -6.67 9.83 -29.59
C GLU B 190 -6.22 9.90 -28.13
N LEU B 191 -5.31 10.82 -27.81
CA LEU B 191 -4.71 10.99 -26.48
C LEU B 191 -4.00 9.73 -25.99
N SER B 192 -3.47 8.94 -26.92
CA SER B 192 -2.62 7.81 -26.58
C SER B 192 -1.18 8.29 -26.41
N HIS B 193 -0.47 7.68 -25.45
CA HIS B 193 0.88 8.13 -25.10
C HIS B 193 1.87 7.81 -26.23
N LEU B 194 2.55 8.84 -26.73
CA LEU B 194 3.57 8.69 -27.76
C LEU B 194 5.00 8.78 -27.21
N GLY B 195 5.24 9.64 -26.24
CA GLY B 195 6.58 9.80 -25.69
C GLY B 195 6.62 10.95 -24.71
N SER B 196 7.85 11.33 -24.34
CA SER B 196 8.11 12.38 -23.38
C SER B 196 9.09 13.38 -23.98
N ALA B 197 8.99 14.64 -23.55
CA ALA B 197 9.84 15.67 -24.14
C ALA B 197 10.03 16.83 -23.18
N ILE B 198 11.07 17.62 -23.44
CA ILE B 198 11.32 18.90 -22.78
C ILE B 198 11.04 20.03 -23.76
N PHE B 199 10.15 20.94 -23.38
CA PHE B 199 9.86 22.15 -24.15
C PHE B 199 10.10 23.35 -23.23
N PRO B 200 11.35 23.85 -23.18
CA PRO B 200 11.68 24.87 -22.15
C PRO B 200 10.78 26.09 -22.16
N ASP B 201 10.54 26.71 -23.31
CA ASP B 201 9.70 27.90 -23.35
C ASP B 201 8.24 27.59 -23.01
N VAL B 202 7.78 26.38 -23.34
CA VAL B 202 6.41 25.99 -22.97
C VAL B 202 6.31 25.75 -21.47
N ALA B 203 7.39 25.27 -20.85
CA ALA B 203 7.37 25.02 -19.41
C ALA B 203 7.22 26.29 -18.59
N LEU B 204 7.48 27.46 -19.18
CA LEU B 204 7.36 28.73 -18.46
C LEU B 204 5.92 29.04 -18.03
N MET B 205 4.93 28.52 -18.75
CA MET B 205 3.55 28.83 -18.45
C MET B 205 3.10 28.13 -17.17
N ASN B 206 2.44 28.88 -16.29
CA ASN B 206 1.91 28.32 -15.06
C ASN B 206 0.59 27.60 -15.32
N HIS B 207 0.10 26.92 -14.28
CA HIS B 207 -1.10 26.09 -14.39
C HIS B 207 -2.35 26.85 -14.00
N SER B 208 -3.46 26.49 -14.66
CA SER B 208 -4.80 26.84 -14.22
C SER B 208 -5.74 25.70 -14.56
N CYS B 209 -6.75 25.47 -13.72
CA CYS B 209 -7.79 24.50 -14.05
C CYS B 209 -8.85 25.07 -15.00
N CYS B 210 -8.78 26.36 -15.32
CA CYS B 210 -9.51 26.94 -16.46
C CYS B 210 -8.50 27.67 -17.35
N PRO B 211 -7.69 26.93 -18.09
CA PRO B 211 -6.59 27.53 -18.84
C PRO B 211 -7.09 28.32 -20.03
N ASN B 212 -6.27 29.26 -20.49
CA ASN B 212 -6.60 30.02 -21.69
C ASN B 212 -5.81 29.57 -22.93
N VAL B 213 -4.90 28.60 -22.79
CA VAL B 213 -4.23 28.00 -23.94
C VAL B 213 -4.21 26.49 -23.78
N ILE B 214 -4.00 25.80 -24.90
CA ILE B 214 -3.77 24.36 -24.93
C ILE B 214 -2.53 24.08 -25.75
N VAL B 215 -1.73 23.11 -25.31
CA VAL B 215 -0.53 22.67 -26.02
C VAL B 215 -0.87 21.44 -26.85
N THR B 216 -0.55 21.50 -28.15
CA THR B 216 -0.67 20.36 -29.05
C THR B 216 0.67 20.15 -29.72
N TYR B 217 0.78 19.08 -30.50
CA TYR B 217 2.06 18.68 -31.08
C TYR B 217 1.94 18.42 -32.57
N LYS B 218 2.89 18.94 -33.33
CA LYS B 218 3.04 18.66 -34.76
C LYS B 218 4.34 17.87 -34.90
N GLY B 219 4.24 16.56 -34.81
CA GLY B 219 5.42 15.74 -34.67
C GLY B 219 6.07 15.97 -33.33
N THR B 220 7.29 16.52 -33.31
CA THR B 220 7.99 16.85 -32.09
C THR B 220 7.95 18.34 -31.78
N LEU B 221 7.18 19.11 -32.55
CA LEU B 221 7.05 20.55 -32.35
C LEU B 221 5.83 20.85 -31.50
N ALA B 222 6.03 21.54 -30.38
CA ALA B 222 4.91 21.98 -29.55
C ALA B 222 4.33 23.28 -30.07
N GLU B 223 3.00 23.37 -30.09
CA GLU B 223 2.29 24.57 -30.49
C GLU B 223 1.31 24.95 -29.38
N VAL B 224 1.14 26.25 -29.18
CA VAL B 224 0.33 26.79 -28.07
C VAL B 224 -0.72 27.71 -28.67
N ARG B 225 -1.99 27.35 -28.50
CA ARG B 225 -3.09 28.09 -29.10
C ARG B 225 -4.10 28.49 -28.03
N ALA B 226 -4.70 29.67 -28.21
CA ALA B 226 -5.68 30.18 -27.26
C ALA B 226 -7.01 29.42 -27.35
N VAL B 227 -7.55 29.07 -26.19
CA VAL B 227 -8.90 28.52 -26.09
C VAL B 227 -9.83 29.44 -25.33
N GLN B 228 -9.32 30.57 -24.84
CA GLN B 228 -10.11 31.70 -24.38
C GLN B 228 -9.47 32.95 -24.97
N GLU B 229 -10.25 34.03 -25.02
CA GLU B 229 -9.68 35.30 -25.41
C GLU B 229 -8.66 35.76 -24.36
N ILE B 230 -7.52 36.24 -24.83
CA ILE B 230 -6.43 36.70 -23.97
C ILE B 230 -6.17 38.17 -24.26
N LYS B 231 -6.14 38.99 -23.21
CA LYS B 231 -5.95 40.44 -23.33
C LYS B 231 -4.54 40.84 -22.90
N PRO B 232 -4.02 41.97 -23.37
CA PRO B 232 -2.73 42.46 -22.90
C PRO B 232 -2.69 42.57 -21.38
N GLY B 233 -1.59 42.11 -20.79
CA GLY B 233 -1.42 42.10 -19.35
C GLY B 233 -1.86 40.84 -18.65
N GLU B 234 -2.65 39.98 -19.32
CA GLU B 234 -3.15 38.77 -18.68
C GLU B 234 -2.12 37.65 -18.78
N GLU B 235 -2.06 36.83 -17.75
CA GLU B 235 -1.13 35.71 -17.72
C GLU B 235 -1.64 34.56 -18.58
N VAL B 236 -0.71 33.88 -19.23
CA VAL B 236 -1.00 32.72 -20.07
C VAL B 236 -0.91 31.47 -19.21
N PHE B 237 -1.99 30.69 -19.17
CA PHE B 237 -2.08 29.51 -18.32
C PHE B 237 -2.41 28.30 -19.17
N THR B 238 -1.64 27.23 -18.99
CA THR B 238 -1.98 25.92 -19.53
C THR B 238 -2.44 25.04 -18.37
N SER B 239 -2.98 23.87 -18.68
CA SER B 239 -3.34 22.91 -17.65
C SER B 239 -2.29 21.80 -17.59
N TYR B 240 -1.88 21.47 -16.37
CA TYR B 240 -0.89 20.42 -16.17
C TYR B 240 -1.50 19.03 -16.02
N ILE B 241 -2.82 18.94 -15.80
CA ILE B 241 -3.44 17.70 -15.35
C ILE B 241 -4.75 17.47 -16.10
N ASP B 242 -5.29 16.27 -15.90
CA ASP B 242 -6.63 15.93 -16.36
C ASP B 242 -7.66 16.69 -15.50
N LEU B 243 -8.47 17.52 -16.13
CA LEU B 243 -9.40 18.40 -15.43
C LEU B 243 -10.74 17.75 -15.13
N LEU B 244 -10.88 16.44 -15.37
CA LEU B 244 -12.15 15.78 -15.14
C LEU B 244 -12.53 15.77 -13.66
N TYR B 245 -11.53 15.63 -12.78
CA TYR B 245 -11.74 15.26 -11.39
C TYR B 245 -12.06 16.48 -10.52
N PRO B 246 -12.67 16.27 -9.34
CA PRO B 246 -13.03 17.42 -8.49
C PRO B 246 -11.81 18.11 -7.88
N THR B 247 -12.06 19.22 -7.17
CA THR B 247 -10.99 20.13 -6.78
C THR B 247 -9.97 19.48 -5.86
N GLU B 248 -10.42 18.73 -4.85
CA GLU B 248 -9.44 18.12 -3.94
C GLU B 248 -8.59 17.09 -4.66
N ASP B 249 -9.16 16.37 -5.62
CA ASP B 249 -8.38 15.40 -6.37
C ASP B 249 -7.31 16.10 -7.21
N ARG B 250 -7.69 17.19 -7.87
CA ARG B 250 -6.75 17.94 -8.70
C ARG B 250 -5.59 18.48 -7.86
N ASN B 251 -5.91 19.08 -6.71
CA ASN B 251 -4.85 19.69 -5.91
C ASN B 251 -3.99 18.66 -5.22
N ASP B 252 -4.54 17.49 -4.90
CA ASP B 252 -3.69 16.38 -4.44
C ASP B 252 -2.64 16.05 -5.48
N ARG B 253 -3.05 15.98 -6.75
CA ARG B 253 -2.10 15.66 -7.82
C ARG B 253 -1.11 16.79 -8.04
N LEU B 254 -1.59 18.05 -8.07
CA LEU B 254 -0.70 19.18 -8.27
C LEU B 254 0.31 19.31 -7.13
N ARG B 255 -0.15 19.14 -5.89
CA ARG B 255 0.75 19.19 -4.74
C ARG B 255 1.81 18.11 -4.81
N ASP B 256 1.39 16.87 -5.11
CA ASP B 256 2.31 15.74 -5.11
C ASP B 256 3.36 15.84 -6.21
N SER B 257 2.95 16.28 -7.41
CA SER B 257 3.83 16.26 -8.57
C SER B 257 4.53 17.59 -8.83
N TYR B 258 3.89 18.72 -8.54
CA TYR B 258 4.42 20.03 -8.87
C TYR B 258 4.57 20.95 -7.67
N PHE B 259 4.19 20.48 -6.47
CA PHE B 259 4.47 21.17 -5.20
C PHE B 259 3.84 22.56 -5.12
N PHE B 260 2.56 22.64 -5.51
CA PHE B 260 1.82 23.88 -5.33
C PHE B 260 0.33 23.56 -5.22
N THR B 261 -0.42 24.52 -4.66
CA THR B 261 -1.88 24.45 -4.57
C THR B 261 -2.47 25.52 -5.49
N CYS B 262 -3.34 25.09 -6.41
CA CYS B 262 -3.95 26.02 -7.36
C CYS B 262 -5.00 26.92 -6.69
N GLU B 263 -5.07 28.16 -7.17
CA GLU B 263 -6.01 29.15 -6.66
C GLU B 263 -6.85 29.77 -7.79
N CYS B 264 -7.02 29.05 -8.90
CA CYS B 264 -7.86 29.53 -9.99
C CYS B 264 -9.34 29.58 -9.58
N GLN B 265 -10.16 30.14 -10.47
CA GLN B 265 -11.57 30.30 -10.16
C GLN B 265 -12.27 28.97 -9.87
N GLU B 266 -11.95 27.94 -10.65
CA GLU B 266 -12.58 26.63 -10.43
C GLU B 266 -12.23 26.07 -9.06
N CYS B 267 -10.96 26.19 -8.65
CA CYS B 267 -10.55 25.68 -7.34
C CYS B 267 -11.11 26.52 -6.21
N THR B 268 -11.18 27.84 -6.40
CA THR B 268 -11.67 28.74 -5.36
C THR B 268 -13.17 28.53 -5.12
N THR B 269 -13.96 28.49 -6.19
CA THR B 269 -15.41 28.38 -6.06
C THR B 269 -15.86 26.93 -5.91
N LYS B 270 -15.13 25.98 -6.49
CA LYS B 270 -15.55 24.57 -6.53
C LYS B 270 -16.90 24.40 -7.23
N ASP B 271 -17.21 25.28 -8.19
CA ASP B 271 -18.54 25.34 -8.77
C ASP B 271 -18.93 24.03 -9.47
N LYS B 272 -17.96 23.29 -10.00
CA LYS B 272 -18.24 22.04 -10.70
C LYS B 272 -18.14 20.79 -9.83
N ASP B 273 -17.73 20.91 -8.56
CA ASP B 273 -17.50 19.74 -7.72
C ASP B 273 -18.76 18.89 -7.55
N LYS B 274 -19.89 19.53 -7.27
CA LYS B 274 -21.10 18.77 -6.96
C LYS B 274 -21.63 18.01 -8.17
N ALA B 275 -21.57 18.63 -9.36
CA ALA B 275 -21.97 17.90 -10.56
C ALA B 275 -21.03 16.74 -10.86
N LYS B 276 -19.74 16.89 -10.54
CA LYS B 276 -18.79 15.81 -10.83
C LYS B 276 -19.01 14.59 -9.93
N VAL B 277 -19.47 14.80 -8.69
CA VAL B 277 -19.71 13.69 -7.77
C VAL B 277 -21.22 13.55 -7.53
N GLU B 278 -21.97 13.42 -8.62
CA GLU B 278 -23.43 13.42 -8.52
C GLU B 278 -23.93 12.16 -7.83
N ILE B 279 -24.91 12.34 -6.94
CA ILE B 279 -25.48 11.27 -6.14
C ILE B 279 -26.87 10.95 -6.68
N ARG B 280 -27.23 9.66 -6.65
CA ARG B 280 -28.55 9.25 -7.07
C ARG B 280 -29.61 9.79 -6.11
N LYS B 281 -30.76 10.20 -6.67
CA LYS B 281 -31.88 10.66 -5.86
C LYS B 281 -32.76 9.46 -5.50
N LEU B 282 -32.33 8.75 -4.45
CA LEU B 282 -33.03 7.57 -3.97
C LEU B 282 -34.17 7.97 -3.04
N SER B 283 -35.07 7.00 -2.81
CA SER B 283 -36.14 7.19 -1.83
C SER B 283 -35.57 7.62 -0.48
N ASP B 284 -34.59 6.88 0.02
CA ASP B 284 -33.85 7.28 1.20
C ASP B 284 -32.53 7.88 0.76
N PRO B 285 -32.34 9.20 0.90
CA PRO B 285 -31.11 9.83 0.42
C PRO B 285 -29.88 9.25 1.10
N PRO B 286 -28.84 8.91 0.33
CA PRO B 286 -27.59 8.42 0.94
C PRO B 286 -27.00 9.43 1.91
N LYS B 287 -26.53 8.93 3.05
CA LYS B 287 -25.97 9.78 4.08
C LYS B 287 -24.56 10.25 3.70
N ALA B 288 -24.17 11.39 4.26
CA ALA B 288 -22.87 12.00 3.96
C ALA B 288 -21.72 11.03 4.21
N GLU B 289 -21.75 10.31 5.33
CA GLU B 289 -20.70 9.34 5.62
C GLU B 289 -20.61 8.27 4.52
N ALA B 290 -21.75 7.76 4.07
CA ALA B 290 -21.73 6.76 3.00
C ALA B 290 -21.16 7.33 1.71
N ILE B 291 -21.46 8.60 1.40
CA ILE B 291 -20.90 9.23 0.21
C ILE B 291 -19.38 9.35 0.33
N ARG B 292 -18.91 9.86 1.47
CA ARG B 292 -17.46 9.97 1.67
C ARG B 292 -16.79 8.59 1.66
N ASP B 293 -17.50 7.56 2.09
CA ASP B 293 -16.97 6.20 2.01
C ASP B 293 -16.81 5.75 0.56
N MET B 294 -17.82 6.03 -0.27
CA MET B 294 -17.77 5.62 -1.67
C MET B 294 -16.74 6.44 -2.45
N VAL B 295 -16.53 7.70 -2.09
CA VAL B 295 -15.50 8.51 -2.73
C VAL B 295 -14.11 7.95 -2.41
N ARG B 296 -13.88 7.63 -1.13
CA ARG B 296 -12.63 7.00 -0.72
C ARG B 296 -12.39 5.71 -1.48
N TYR B 297 -13.41 4.85 -1.54
CA TYR B 297 -13.31 3.62 -2.31
C TYR B 297 -12.96 3.91 -3.76
N ALA B 298 -13.69 4.83 -4.40
CA ALA B 298 -13.46 5.13 -5.81
C ALA B 298 -12.02 5.57 -6.05
N ARG B 299 -11.51 6.47 -5.22
CA ARG B 299 -10.14 6.94 -5.42
C ARG B 299 -9.12 5.83 -5.24
N ASN B 300 -9.44 4.85 -4.39
CA ASN B 300 -8.53 3.73 -4.17
C ASN B 300 -8.54 2.73 -5.32
N VAL B 301 -9.73 2.40 -5.84
CA VAL B 301 -9.79 1.46 -6.95
C VAL B 301 -9.12 2.04 -8.19
N ILE B 302 -9.17 3.37 -8.34
CA ILE B 302 -8.44 4.03 -9.43
C ILE B 302 -6.95 3.71 -9.33
N GLU B 303 -6.40 3.77 -8.11
CA GLU B 303 -5.00 3.41 -7.89
C GLU B 303 -4.77 1.92 -8.09
N GLU B 304 -5.64 1.09 -7.51
CA GLU B 304 -5.51 -0.36 -7.68
C GLU B 304 -5.58 -0.77 -9.15
N PHE B 305 -6.48 -0.16 -9.91
CA PHE B 305 -6.60 -0.52 -11.33
C PHE B 305 -5.36 -0.09 -12.11
N ARG B 306 -4.81 1.09 -11.79
CA ARG B 306 -3.60 1.54 -12.46
C ARG B 306 -2.46 0.54 -12.30
N ARG B 307 -2.41 -0.11 -11.15
N ARG B 307 -2.42 -0.13 -11.15
CA ARG B 307 -1.35 -1.13 -10.89
CA ARG B 307 -1.35 -1.13 -10.87
C ARG B 307 -1.73 -2.44 -11.55
C ARG B 307 -1.71 -2.48 -11.49
N ALA B 308 -2.98 -2.85 -11.42
CA ALA B 308 -3.42 -4.14 -11.95
C ALA B 308 -3.26 -4.23 -13.46
N LYS B 309 -3.36 -3.11 -14.19
CA LYS B 309 -3.27 -3.18 -15.64
C LYS B 309 -1.90 -3.62 -16.12
N HIS B 310 -0.89 -3.67 -15.24
CA HIS B 310 0.44 -4.09 -15.63
C HIS B 310 0.56 -5.60 -15.76
N TYR B 311 -0.24 -6.38 -15.02
CA TYR B 311 -0.02 -7.82 -15.00
C TYR B 311 -1.29 -8.65 -15.26
N LYS B 312 -2.47 -8.11 -15.00
CA LYS B 312 -3.69 -8.90 -15.16
C LYS B 312 -4.14 -8.97 -16.61
N SER B 313 -4.89 -10.04 -16.93
CA SER B 313 -5.36 -10.27 -18.27
C SER B 313 -6.48 -9.29 -18.64
N PRO B 314 -6.72 -9.08 -19.94
CA PRO B 314 -7.80 -8.15 -20.32
C PRO B 314 -9.16 -8.51 -19.74
N SER B 315 -9.56 -9.78 -19.79
CA SER B 315 -10.85 -10.19 -19.26
C SER B 315 -10.94 -9.92 -17.76
N GLU B 316 -9.83 -10.11 -17.04
CA GLU B 316 -9.81 -9.82 -15.60
C GLU B 316 -9.94 -8.32 -15.33
N LEU B 317 -9.32 -7.49 -16.18
CA LEU B 317 -9.43 -6.05 -16.03
C LEU B 317 -10.86 -5.55 -16.26
N LEU B 318 -11.55 -6.10 -17.26
CA LEU B 318 -12.94 -5.74 -17.48
C LEU B 318 -13.80 -6.13 -16.29
N GLU B 319 -13.55 -7.30 -15.71
CA GLU B 319 -14.30 -7.74 -14.55
C GLU B 319 -14.14 -6.76 -13.39
N ILE B 320 -12.92 -6.25 -13.17
CA ILE B 320 -12.71 -5.24 -12.14
C ILE B 320 -13.52 -3.99 -12.43
N CYS B 321 -13.52 -3.54 -13.70
CA CYS B 321 -14.28 -2.36 -14.08
C CYS B 321 -15.77 -2.58 -13.84
N GLU B 322 -16.28 -3.74 -14.27
CA GLU B 322 -17.70 -4.04 -14.10
C GLU B 322 -18.09 -4.07 -12.63
N LEU B 323 -17.33 -4.81 -11.82
CA LEU B 323 -17.64 -4.91 -10.40
C LEU B 323 -17.55 -3.56 -9.71
N SER B 324 -16.55 -2.75 -10.05
CA SER B 324 -16.41 -1.45 -9.41
CA SER B 324 -16.40 -1.44 -9.42
C SER B 324 -17.58 -0.54 -9.76
N GLN B 325 -18.07 -0.59 -11.01
CA GLN B 325 -19.22 0.19 -11.40
C GLN B 325 -20.48 -0.28 -10.68
N GLU B 326 -20.67 -1.60 -10.59
CA GLU B 326 -21.84 -2.14 -9.88
C GLU B 326 -21.88 -1.65 -8.44
N LYS B 327 -20.75 -1.71 -7.74
CA LYS B 327 -20.71 -1.29 -6.34
C LYS B 327 -21.00 0.20 -6.22
N MET B 328 -20.36 1.01 -7.06
CA MET B 328 -20.52 2.46 -7.00
C MET B 328 -21.94 2.88 -7.40
N SER B 329 -22.57 2.15 -8.33
CA SER B 329 -23.86 2.57 -8.87
C SER B 329 -24.95 2.59 -7.81
N SER B 330 -24.74 1.95 -6.67
CA SER B 330 -25.71 2.05 -5.58
C SER B 330 -25.79 3.47 -5.02
N VAL B 331 -24.77 4.29 -5.23
CA VAL B 331 -24.72 5.66 -4.72
C VAL B 331 -24.51 6.68 -5.84
N PHE B 332 -23.63 6.39 -6.80
CA PHE B 332 -23.24 7.33 -7.83
C PHE B 332 -24.11 7.21 -9.08
N GLU B 333 -24.44 8.35 -9.68
CA GLU B 333 -25.04 8.40 -11.00
C GLU B 333 -24.01 8.06 -12.07
N ASP B 334 -24.52 7.75 -13.28
CA ASP B 334 -23.62 7.38 -14.38
C ASP B 334 -22.71 8.54 -14.79
N SER B 335 -23.16 9.78 -14.61
CA SER B 335 -22.34 10.94 -14.97
C SER B 335 -21.33 11.30 -13.88
N ASN B 336 -21.33 10.60 -12.74
CA ASN B 336 -20.32 10.79 -11.70
C ASN B 336 -18.94 10.46 -12.25
N VAL B 337 -17.97 11.33 -12.00
CA VAL B 337 -16.66 11.21 -12.65
C VAL B 337 -15.92 9.94 -12.25
N TYR B 338 -16.24 9.37 -11.09
CA TYR B 338 -15.60 8.10 -10.72
C TYR B 338 -16.18 6.93 -11.51
N MET B 339 -17.48 6.99 -11.80
CA MET B 339 -18.08 6.04 -12.75
C MET B 339 -17.47 6.20 -14.14
N LEU B 340 -17.36 7.46 -14.60
CA LEU B 340 -16.79 7.72 -15.91
C LEU B 340 -15.36 7.22 -16.04
N HIS B 341 -14.59 7.32 -14.94
CA HIS B 341 -13.21 6.83 -14.97
C HIS B 341 -13.16 5.35 -15.31
N MET B 342 -13.91 4.53 -14.57
CA MET B 342 -13.90 3.08 -14.82
C MET B 342 -14.49 2.75 -16.19
N MET B 343 -15.46 3.53 -16.65
CA MET B 343 -15.98 3.34 -18.01
C MET B 343 -14.90 3.61 -19.05
N TYR B 344 -14.13 4.69 -18.87
CA TYR B 344 -13.05 5.01 -19.80
C TYR B 344 -11.97 3.93 -19.76
N GLN B 345 -11.63 3.45 -18.57
CA GLN B 345 -10.66 2.36 -18.49
C GLN B 345 -11.18 1.11 -19.17
N ALA B 346 -12.45 0.77 -18.92
CA ALA B 346 -13.05 -0.39 -19.57
C ALA B 346 -13.04 -0.24 -21.09
N MET B 347 -13.31 0.98 -21.59
CA MET B 347 -13.26 1.24 -23.02
C MET B 347 -11.87 0.96 -23.58
N GLY B 348 -10.83 1.42 -22.89
CA GLY B 348 -9.47 1.16 -23.34
C GLY B 348 -9.16 -0.31 -23.49
N VAL B 349 -9.57 -1.11 -22.50
CA VAL B 349 -9.36 -2.56 -22.57
C VAL B 349 -10.08 -3.15 -23.78
N CYS B 350 -11.32 -2.74 -24.01
CA CYS B 350 -12.05 -3.22 -25.19
C CYS B 350 -11.32 -2.83 -26.47
N LEU B 351 -10.82 -1.60 -26.54
CA LEU B 351 -10.08 -1.16 -27.72
C LEU B 351 -8.83 -2.00 -27.96
N TYR B 352 -8.09 -2.31 -26.90
CA TYR B 352 -6.92 -3.19 -27.08
C TYR B 352 -7.35 -4.58 -27.51
N MET B 353 -8.43 -5.10 -26.91
CA MET B 353 -8.97 -6.40 -27.31
C MET B 353 -9.61 -6.38 -28.69
N GLN B 354 -9.70 -5.22 -29.34
CA GLN B 354 -10.39 -5.08 -30.62
C GLN B 354 -11.85 -5.53 -30.50
N ASP B 355 -12.45 -5.28 -29.34
CA ASP B 355 -13.88 -5.48 -29.11
C ASP B 355 -14.55 -4.14 -29.40
N TRP B 356 -14.87 -3.91 -30.68
CA TRP B 356 -15.35 -2.59 -31.08
C TRP B 356 -16.74 -2.32 -30.53
N GLU B 357 -17.59 -3.33 -30.51
CA GLU B 357 -18.94 -3.18 -29.95
C GLU B 357 -18.88 -2.80 -28.48
N GLY B 358 -18.08 -3.52 -27.70
CA GLY B 358 -17.93 -3.17 -26.29
C GLY B 358 -17.42 -1.76 -26.11
N ALA B 359 -16.38 -1.38 -26.85
CA ALA B 359 -15.82 -0.05 -26.74
C ALA B 359 -16.85 1.03 -27.08
N LEU B 360 -17.66 0.80 -28.11
CA LEU B 360 -18.64 1.80 -28.52
C LEU B 360 -19.68 2.03 -27.42
N GLN B 361 -20.17 0.96 -26.81
CA GLN B 361 -21.16 1.09 -25.74
C GLN B 361 -20.64 1.99 -24.62
N TYR B 362 -19.38 1.80 -24.23
CA TYR B 362 -18.79 2.65 -23.19
C TYR B 362 -18.64 4.09 -23.66
N GLY B 363 -18.15 4.28 -24.89
CA GLY B 363 -18.00 5.64 -25.40
C GLY B 363 -19.30 6.42 -25.42
N GLN B 364 -20.39 5.76 -25.84
CA GLN B 364 -21.69 6.43 -25.89
C GLN B 364 -22.16 6.88 -24.50
N LYS B 365 -21.80 6.14 -23.46
CA LYS B 365 -22.14 6.54 -22.09
C LYS B 365 -21.23 7.65 -21.55
N ILE B 366 -20.06 7.83 -22.14
CA ILE B 366 -19.07 8.76 -21.59
C ILE B 366 -19.22 10.17 -22.16
N ILE B 367 -19.58 10.28 -23.44
CA ILE B 367 -19.35 11.51 -24.18
C ILE B 367 -20.15 12.68 -23.63
N LYS B 368 -21.43 12.47 -23.31
CA LYS B 368 -22.24 13.61 -22.84
C LYS B 368 -21.76 14.10 -21.49
N PRO B 369 -21.54 13.28 -20.46
CA PRO B 369 -20.92 13.80 -19.22
C PRO B 369 -19.58 14.47 -19.43
N TYR B 370 -18.75 13.94 -20.34
CA TYR B 370 -17.48 14.60 -20.66
C TYR B 370 -17.70 16.03 -21.12
N SER B 371 -18.71 16.25 -21.96
CA SER B 371 -18.93 17.58 -22.53
C SER B 371 -19.15 18.65 -21.47
N LYS B 372 -19.84 18.30 -20.38
CA LYS B 372 -20.13 19.30 -19.36
C LYS B 372 -19.06 19.39 -18.28
N HIS B 373 -18.36 18.31 -17.97
CA HIS B 373 -17.35 18.36 -16.92
C HIS B 373 -16.07 19.05 -17.40
N TYR B 374 -15.71 18.85 -18.66
CA TYR B 374 -14.52 19.43 -19.25
C TYR B 374 -14.79 20.85 -19.77
N PRO B 375 -13.74 21.67 -19.93
CA PRO B 375 -13.90 22.99 -20.56
C PRO B 375 -14.34 22.88 -22.01
N LEU B 376 -14.67 24.04 -22.58
CA LEU B 376 -15.32 24.10 -23.88
C LEU B 376 -14.50 23.43 -24.98
N TYR B 377 -13.19 23.70 -25.04
CA TYR B 377 -12.39 23.15 -26.15
C TYR B 377 -11.39 22.10 -25.68
N SER B 378 -11.87 21.07 -24.97
CA SER B 378 -10.98 20.11 -24.34
C SER B 378 -10.51 19.05 -25.33
N LEU B 379 -9.21 18.72 -25.25
CA LEU B 379 -8.68 17.62 -26.04
C LEU B 379 -9.25 16.27 -25.59
N ASN B 380 -9.61 16.14 -24.31
CA ASN B 380 -10.23 14.92 -23.83
C ASN B 380 -11.59 14.71 -24.49
N VAL B 381 -12.34 15.79 -24.70
CA VAL B 381 -13.64 15.69 -25.36
C VAL B 381 -13.47 15.42 -26.85
N ALA B 382 -12.59 16.18 -27.51
CA ALA B 382 -12.34 15.98 -28.93
C ALA B 382 -11.90 14.55 -29.21
N SER B 383 -10.94 14.03 -28.44
CA SER B 383 -10.46 12.68 -28.70
C SER B 383 -11.55 11.63 -28.46
N MET B 384 -12.45 11.88 -27.51
CA MET B 384 -13.57 10.95 -27.30
C MET B 384 -14.53 10.97 -28.49
N TRP B 385 -14.85 12.14 -29.02
CA TRP B 385 -15.65 12.19 -30.25
C TRP B 385 -14.94 11.45 -31.39
N LEU B 386 -13.62 11.56 -31.45
CA LEU B 386 -12.87 10.92 -32.52
C LEU B 386 -12.91 9.40 -32.40
N LYS B 387 -12.69 8.87 -31.19
CA LYS B 387 -12.82 7.43 -30.96
C LYS B 387 -14.21 6.94 -31.33
N LEU B 388 -15.25 7.67 -30.90
CA LEU B 388 -16.62 7.31 -31.28
C LEU B 388 -16.78 7.26 -32.79
N GLY B 389 -16.35 8.32 -33.47
CA GLY B 389 -16.50 8.36 -34.92
C GLY B 389 -15.81 7.21 -35.61
N ARG B 390 -14.60 6.87 -35.16
CA ARG B 390 -13.85 5.79 -35.78
C ARG B 390 -14.50 4.43 -35.51
N LEU B 391 -14.98 4.22 -34.28
CA LEU B 391 -15.73 3.00 -33.98
C LEU B 391 -16.99 2.91 -34.84
N TYR B 392 -17.75 3.99 -34.92
CA TYR B 392 -18.93 4.03 -35.78
C TYR B 392 -18.59 3.66 -37.21
N MET B 393 -17.56 4.30 -37.78
CA MET B 393 -17.16 4.02 -39.16
C MET B 393 -16.72 2.57 -39.31
N GLY B 394 -15.90 2.09 -38.37
CA GLY B 394 -15.46 0.70 -38.42
C GLY B 394 -16.61 -0.30 -38.42
N LEU B 395 -17.69 0.03 -37.72
CA LEU B 395 -18.86 -0.83 -37.63
C LEU B 395 -19.89 -0.50 -38.71
N GLU B 396 -19.57 0.39 -39.65
CA GLU B 396 -20.41 0.78 -40.79
C GLU B 396 -21.61 1.63 -40.38
N HIS B 397 -21.52 2.32 -39.24
CA HIS B 397 -22.52 3.33 -38.85
C HIS B 397 -22.08 4.68 -39.41
N LYS B 398 -22.21 4.80 -40.74
CA LYS B 398 -21.58 5.93 -41.43
C LYS B 398 -22.17 7.28 -41.01
N ALA B 399 -23.48 7.36 -40.84
CA ALA B 399 -24.09 8.64 -40.48
C ALA B 399 -23.64 9.09 -39.09
N ALA B 400 -23.73 8.20 -38.10
CA ALA B 400 -23.29 8.56 -36.75
C ALA B 400 -21.79 8.79 -36.73
N GLY B 401 -21.03 8.04 -37.52
CA GLY B 401 -19.59 8.28 -37.61
C GLY B 401 -19.27 9.67 -38.12
N GLU B 402 -19.90 10.07 -39.23
CA GLU B 402 -19.67 11.39 -39.79
C GLU B 402 -19.96 12.49 -38.76
N LYS B 403 -21.10 12.39 -38.07
CA LYS B 403 -21.45 13.37 -37.05
C LYS B 403 -20.38 13.47 -35.98
N ALA B 404 -19.95 12.33 -35.43
CA ALA B 404 -18.97 12.37 -34.35
C ALA B 404 -17.63 12.92 -34.85
N LEU B 405 -17.19 12.48 -36.04
CA LEU B 405 -15.92 12.98 -36.57
C LEU B 405 -15.96 14.49 -36.77
N LYS B 406 -17.10 15.02 -37.23
CA LYS B 406 -17.24 16.46 -37.40
C LYS B 406 -17.20 17.18 -36.06
N LYS B 407 -17.77 16.58 -35.02
CA LYS B 407 -17.66 17.16 -33.68
C LYS B 407 -16.20 17.25 -33.25
N ALA B 408 -15.42 16.20 -33.54
CA ALA B 408 -14.00 16.21 -33.19
C ALA B 408 -13.25 17.29 -33.95
N ILE B 409 -13.53 17.42 -35.26
CA ILE B 409 -12.85 18.42 -36.09
C ILE B 409 -13.11 19.82 -35.58
N ALA B 410 -14.36 20.12 -35.21
CA ALA B 410 -14.69 21.47 -34.76
C ALA B 410 -13.84 21.90 -33.57
N ILE B 411 -13.59 20.97 -32.64
CA ILE B 411 -12.76 21.31 -31.49
C ILE B 411 -11.29 21.39 -31.88
N MET B 412 -10.83 20.41 -32.68
CA MET B 412 -9.42 20.35 -33.02
C MET B 412 -8.99 21.54 -33.88
N GLU B 413 -9.88 22.08 -34.72
CA GLU B 413 -9.54 23.26 -35.51
C GLU B 413 -9.09 24.40 -34.62
N VAL B 414 -9.70 24.54 -33.44
CA VAL B 414 -9.28 25.57 -32.49
C VAL B 414 -7.96 25.19 -31.84
N ALA B 415 -7.89 23.99 -31.26
CA ALA B 415 -6.71 23.60 -30.47
C ALA B 415 -5.50 23.27 -31.35
N HIS B 416 -5.71 22.58 -32.47
CA HIS B 416 -4.62 22.15 -33.34
C HIS B 416 -4.37 23.08 -34.51
N GLY B 417 -5.27 24.00 -34.80
CA GLY B 417 -5.14 24.81 -36.00
C GLY B 417 -5.81 24.14 -37.19
N LYS B 418 -6.42 24.96 -38.06
CA LYS B 418 -7.21 24.43 -39.17
C LYS B 418 -6.37 23.60 -40.13
N ASP B 419 -5.07 23.85 -40.21
CA ASP B 419 -4.19 23.20 -41.18
C ASP B 419 -3.42 22.02 -40.59
N HIS B 420 -3.79 21.55 -39.40
CA HIS B 420 -3.03 20.48 -38.76
C HIS B 420 -3.20 19.17 -39.55
N PRO B 421 -2.13 18.40 -39.72
CA PRO B 421 -2.25 17.08 -40.39
C PRO B 421 -3.33 16.19 -39.81
N TYR B 422 -3.57 16.25 -38.49
CA TYR B 422 -4.62 15.43 -37.90
C TYR B 422 -5.98 15.71 -38.53
N ILE B 423 -6.27 16.98 -38.81
CA ILE B 423 -7.59 17.33 -39.34
C ILE B 423 -7.73 16.82 -40.77
N SER B 424 -6.65 16.89 -41.56
CA SER B 424 -6.67 16.31 -42.90
C SER B 424 -6.94 14.82 -42.85
N GLU B 425 -6.31 14.11 -41.91
CA GLU B 425 -6.54 12.66 -41.79
C GLU B 425 -8.01 12.35 -41.52
N ILE B 426 -8.62 13.11 -40.61
CA ILE B 426 -9.98 12.82 -40.19
C ILE B 426 -10.98 13.15 -41.30
N LYS B 427 -10.72 14.22 -42.05
CA LYS B 427 -11.59 14.54 -43.18
C LYS B 427 -11.56 13.45 -44.24
N GLN B 428 -10.42 12.75 -44.40
CA GLN B 428 -10.36 11.61 -45.30
C GLN B 428 -11.31 10.52 -44.84
N GLU B 429 -11.39 10.30 -43.53
CA GLU B 429 -12.22 9.24 -42.98
C GLU B 429 -13.71 9.51 -43.17
N ILE B 430 -14.10 10.77 -43.39
CA ILE B 430 -15.50 11.07 -43.67
C ILE B 430 -15.86 10.68 -45.10
N GLU B 431 -14.98 10.99 -46.06
CA GLU B 431 -15.23 10.65 -47.45
C GLU B 431 -14.38 9.48 -47.89
N SER B 432 -14.42 8.38 -47.13
CA SER B 432 -13.78 7.13 -47.53
C SER B 432 -14.77 5.97 -47.44
N HIS B 433 -15.38 5.81 -46.27
CA HIS B 433 -16.45 4.85 -46.06
C HIS B 433 -17.74 5.38 -46.69
N THR C 5 6.87 -11.84 13.83
CA THR C 5 5.59 -11.67 14.55
C THR C 5 5.70 -12.31 15.94
N LEU C 6 5.92 -11.48 16.98
CA LEU C 6 6.05 -11.97 18.34
C LEU C 6 5.23 -11.21 19.36
N LYS C 7 4.83 -9.97 19.09
CA LYS C 7 4.23 -9.13 20.12
C LYS C 7 2.94 -9.75 20.65
N GLY C 8 2.95 -10.08 21.95
CA GLY C 8 1.77 -10.60 22.62
C GLY C 8 2.07 -11.24 23.96
N GLY C 9 1.04 -11.45 24.77
CA GLY C 9 1.20 -12.08 26.07
C GLY C 9 1.12 -13.59 25.98
N ALA C 10 1.98 -14.26 26.73
CA ALA C 10 2.14 -15.72 26.68
C ALA C 10 2.48 -16.19 25.27
N THR D 5 5.52 11.48 -13.72
CA THR D 5 4.26 12.25 -13.81
C THR D 5 4.48 13.52 -14.64
N LEU D 6 4.78 13.36 -15.93
CA LEU D 6 5.03 14.53 -16.83
C LEU D 6 3.69 15.20 -17.18
N LYS D 7 3.73 16.49 -17.51
CA LYS D 7 2.51 17.25 -17.87
C LYS D 7 1.86 16.63 -19.11
N GLY D 8 0.75 15.92 -18.94
CA GLY D 8 0.05 15.27 -20.05
C GLY D 8 -1.38 15.76 -20.18
N ARG E 1 -8.13 -22.87 22.99
CA ARG E 1 -9.53 -23.34 23.00
C ARG E 1 -9.59 -24.84 23.25
N MET E 2 -9.91 -25.25 24.48
CA MET E 2 -9.98 -26.67 24.81
C MET E 2 -11.16 -27.35 24.12
N LYS E 3 -10.99 -28.65 23.86
CA LYS E 3 -11.98 -29.47 23.15
C LYS E 3 -12.91 -30.15 24.17
N LEU E 4 -13.73 -29.33 24.81
CA LEU E 4 -14.64 -29.80 25.84
C LEU E 4 -16.10 -29.49 25.49
N ARG F 1 -3.91 5.42 -30.78
CA ARG F 1 -4.42 4.99 -32.07
C ARG F 1 -4.91 3.54 -31.99
N MET F 2 -6.22 3.36 -32.09
CA MET F 2 -6.81 2.02 -32.10
C MET F 2 -6.43 1.29 -33.38
N LYS F 3 -6.32 -0.03 -33.29
CA LYS F 3 -5.94 -0.85 -34.44
C LYS F 3 -7.17 -1.29 -35.23
N LEU F 4 -7.89 -0.30 -35.76
CA LEU F 4 -9.04 -0.53 -36.63
C LEU F 4 -8.61 -0.22 -38.07
N THR F 5 -8.92 -1.15 -38.97
CA THR F 5 -8.24 -1.20 -40.27
C THR F 5 -8.45 0.05 -41.10
N LEU F 6 -9.56 0.75 -40.90
CA LEU F 6 -9.88 1.94 -41.68
C LEU F 6 -10.01 1.57 -43.15
#